data_8WWF
#
_entry.id   8WWF
#
_cell.length_a   56.140
_cell.length_b   56.156
_cell.length_c   76.185
_cell.angle_alpha   96.27
_cell.angle_beta   105.96
_cell.angle_gamma   90.70
#
_symmetry.space_group_name_H-M   'P 1'
#
loop_
_entity.id
_entity.type
_entity.pdbx_description
1 polymer '(R)-DHPS dehydrogenase HpsO'
2 water water
#
_entity_poly.entity_id   1
_entity_poly.type   'polypeptide(L)'
_entity_poly.pdbx_seq_one_letter_code
;MADSGYLFSVRGRVACVTGASSGLGRRAATVLAQAGAQVVGVARRADALAEWQAEAGGETHAIPYDLSDRDGLEGLARQV
VDPFGAPDILVHAAGINTRQPADEVTPEGWDITLTLNLSVPFFLSQYLVPGMKARGWGRIVNFASLQTTRAFPGGIAYGA
SKGGVAQMTRAMAEAWSPHGITANALGPGFFRTELTAPVFADPERAARNAAQTCIGRNGEPEDLDGPLLFLCSQASAYVT
GQVLMVDGGYTAK
;
_entity_poly.pdbx_strand_id   A,B,C,D
#
# COMPACT_ATOMS: atom_id res chain seq x y z
N GLY A 5 -1.97 8.36 30.89
CA GLY A 5 -2.74 9.61 30.54
C GLY A 5 -1.87 10.83 30.24
N TYR A 6 -0.87 11.06 31.13
CA TYR A 6 0.33 11.96 30.94
C TYR A 6 0.98 11.75 29.58
N LEU A 7 0.91 10.50 29.21
CA LEU A 7 1.38 10.06 27.93
C LEU A 7 0.87 10.93 26.77
N PHE A 8 -0.36 11.42 26.88
CA PHE A 8 -1.05 12.18 25.82
C PHE A 8 -1.00 13.72 25.96
N SER A 9 -0.23 14.16 26.96
CA SER A 9 -0.12 15.60 27.22
C SER A 9 0.65 16.45 26.19
N VAL A 10 0.18 17.66 25.97
CA VAL A 10 0.92 18.64 25.23
C VAL A 10 1.08 19.87 26.10
N ARG A 11 0.83 19.75 27.39
CA ARG A 11 0.94 20.94 28.28
C ARG A 11 2.38 21.38 28.35
N GLY A 12 2.62 22.69 28.25
CA GLY A 12 3.98 23.25 28.28
C GLY A 12 4.80 23.06 27.00
N ARG A 13 4.22 22.44 25.97
CA ARG A 13 4.84 22.42 24.68
C ARG A 13 4.45 23.65 23.87
N VAL A 14 5.29 23.97 22.88
CA VAL A 14 5.05 25.03 21.93
C VAL A 14 4.65 24.43 20.60
N ALA A 15 3.56 24.90 19.99
CA ALA A 15 3.13 24.38 18.67
C ALA A 15 2.98 25.50 17.69
N CYS A 16 3.28 25.18 16.44
CA CYS A 16 2.97 26.09 15.37
C CYS A 16 1.99 25.33 14.49
N VAL A 17 0.89 25.96 14.15
CA VAL A 17 -0.10 25.36 13.25
C VAL A 17 -0.35 26.31 12.12
N THR A 18 -0.12 25.83 10.89
CA THR A 18 -0.46 26.57 9.71
C THR A 18 -1.87 26.25 9.28
N GLY A 19 -2.46 27.22 8.61
CA GLY A 19 -3.89 27.11 8.22
C GLY A 19 -4.82 27.29 9.39
N ALA A 20 -4.42 28.12 10.36
CA ALA A 20 -5.13 28.13 11.62
C ALA A 20 -6.39 28.98 11.60
N SER A 21 -6.70 29.66 10.50
CA SER A 21 -7.88 30.54 10.50
C SER A 21 -9.17 29.83 10.07
N SER A 22 -9.07 28.63 9.52
CA SER A 22 -10.25 27.88 9.12
C SER A 22 -10.04 26.37 9.15
N GLY A 23 -11.12 25.66 9.09
CA GLY A 23 -11.05 24.26 8.69
C GLY A 23 -10.43 23.43 9.77
N LEU A 24 -9.76 22.40 9.29
CA LEU A 24 -9.11 21.49 10.23
C LEU A 24 -7.91 22.11 10.95
N GLY A 25 -7.23 23.06 10.31
CA GLY A 25 -6.13 23.73 11.01
C GLY A 25 -6.60 24.52 12.23
N ARG A 26 -7.75 25.19 12.05
CA ARG A 26 -8.33 25.94 13.17
C ARG A 26 -8.72 25.05 14.29
N ARG A 27 -9.34 23.89 13.96
CA ARG A 27 -9.65 22.92 14.98
C ARG A 27 -8.37 22.48 15.66
N ALA A 28 -7.30 22.17 14.90
CA ALA A 28 -6.10 21.60 15.50
C ALA A 28 -5.46 22.62 16.51
N ALA A 29 -5.46 23.88 16.05
CA ALA A 29 -4.83 24.98 16.78
C ALA A 29 -5.61 25.24 18.11
N THR A 30 -6.92 25.13 18.04
CA THR A 30 -7.78 25.24 19.24
C THR A 30 -7.64 24.06 20.20
N VAL A 31 -7.68 22.80 19.69
CA VAL A 31 -7.45 21.63 20.50
C VAL A 31 -6.12 21.75 21.27
N LEU A 32 -5.04 22.09 20.56
CA LEU A 32 -3.71 22.19 21.15
C LEU A 32 -3.72 23.31 22.26
N ALA A 33 -4.35 24.44 21.94
CA ALA A 33 -4.44 25.53 22.91
C ALA A 33 -5.25 25.14 24.14
N GLN A 34 -6.39 24.47 23.92
CA GLN A 34 -7.19 24.00 25.06
C GLN A 34 -6.54 22.90 25.85
N ALA A 35 -5.61 22.15 25.24
CA ALA A 35 -4.88 21.09 25.91
C ALA A 35 -3.65 21.63 26.63
N GLY A 36 -3.44 22.94 26.55
CA GLY A 36 -2.37 23.61 27.25
C GLY A 36 -1.07 23.84 26.56
N ALA A 37 -1.01 23.59 25.24
CA ALA A 37 0.14 24.02 24.49
C ALA A 37 0.08 25.53 24.23
N GLN A 38 1.23 26.18 24.15
CA GLN A 38 1.28 27.51 23.64
C GLN A 38 1.30 27.43 22.11
N VAL A 39 0.34 28.09 21.51
CA VAL A 39 0.11 27.89 20.05
C VAL A 39 0.31 29.13 19.22
N VAL A 40 1.15 28.96 18.20
CA VAL A 40 1.33 29.95 17.20
C VAL A 40 0.51 29.53 15.94
N GLY A 41 -0.49 30.34 15.59
CA GLY A 41 -1.38 30.08 14.50
C GLY A 41 -0.97 30.98 13.37
N VAL A 42 -0.78 30.37 12.21
CA VAL A 42 -0.42 31.06 11.01
C VAL A 42 -1.52 30.90 9.94
N ALA A 43 -1.89 32.01 9.26
CA ALA A 43 -2.82 32.00 8.20
C ALA A 43 -2.79 33.36 7.51
N ARG A 44 -3.46 33.50 6.38
CA ARG A 44 -3.40 34.77 5.59
C ARG A 44 -3.91 36.04 6.34
N ARG A 45 -5.08 35.91 6.93
CA ARG A 45 -5.96 37.00 7.31
C ARG A 45 -5.91 37.22 8.79
N ALA A 46 -5.40 38.38 9.14
CA ALA A 46 -5.41 38.81 10.52
C ALA A 46 -6.79 38.74 11.17
N ASP A 47 -7.86 39.11 10.46
CA ASP A 47 -9.17 39.18 11.14
C ASP A 47 -9.68 37.78 11.43
N ALA A 48 -9.38 36.84 10.54
CA ALA A 48 -9.75 35.47 10.84
C ALA A 48 -8.92 34.88 11.97
N LEU A 49 -7.62 35.20 12.03
CA LEU A 49 -6.81 34.76 13.16
C LEU A 49 -7.30 35.33 14.48
N ALA A 50 -7.85 36.53 14.44
CA ALA A 50 -8.26 37.17 15.72
C ALA A 50 -9.52 36.49 16.28
N GLU A 51 -10.40 36.12 15.37
CA GLU A 51 -11.56 35.31 15.77
C GLU A 51 -11.07 33.96 16.31
N TRP A 52 -10.10 33.37 15.62
CA TRP A 52 -9.56 32.11 16.15
C TRP A 52 -9.06 32.24 17.64
N GLN A 53 -8.31 33.32 17.90
CA GLN A 53 -7.68 33.53 19.21
C GLN A 53 -8.80 33.69 20.26
N ALA A 54 -9.86 34.37 19.85
CA ALA A 54 -11.06 34.59 20.71
C ALA A 54 -11.72 33.25 21.15
N GLU A 55 -11.95 32.34 20.20
CA GLU A 55 -12.48 31.00 20.48
C GLU A 55 -11.54 30.08 21.21
N ALA A 56 -10.26 30.22 20.96
CA ALA A 56 -9.32 29.18 21.34
C ALA A 56 -8.99 29.16 22.81
N GLY A 57 -9.00 30.33 23.47
CA GLY A 57 -8.58 30.41 24.84
C GLY A 57 -7.11 30.06 24.96
N GLY A 58 -6.76 29.49 26.11
CA GLY A 58 -5.37 29.22 26.50
C GLY A 58 -4.45 30.38 26.17
N GLU A 59 -3.28 30.06 25.63
CA GLU A 59 -2.20 31.00 25.35
C GLU A 59 -1.81 30.81 23.90
N THR A 60 -2.10 31.79 23.09
CA THR A 60 -1.86 31.73 21.66
C THR A 60 -1.24 33.02 21.16
N HIS A 61 -0.74 32.98 19.93
CA HIS A 61 -0.24 34.09 19.19
C HIS A 61 -0.57 33.86 17.70
N ALA A 62 -1.02 34.91 17.01
CA ALA A 62 -1.36 34.93 15.61
C ALA A 62 -0.31 35.59 14.74
N ILE A 63 0.00 35.00 13.58
CA ILE A 63 0.87 35.61 12.62
C ILE A 63 0.25 35.56 11.23
N PRO A 64 -0.17 36.74 10.71
CA PRO A 64 -0.67 36.81 9.38
C PRO A 64 0.45 36.68 8.37
N TYR A 65 0.35 35.69 7.50
CA TYR A 65 1.38 35.45 6.53
C TYR A 65 0.77 34.73 5.36
N ASP A 66 1.19 35.06 4.14
CA ASP A 66 0.69 34.43 2.91
C ASP A 66 1.67 33.32 2.57
N LEU A 67 1.27 32.14 2.92
CA LEU A 67 2.18 30.99 2.81
C LEU A 67 2.53 30.65 1.36
N SER A 68 1.90 31.30 0.37
CA SER A 68 2.35 31.17 -1.02
C SER A 68 3.67 31.87 -1.29
N ASP A 69 4.09 32.74 -0.35
CA ASP A 69 5.40 33.47 -0.39
C ASP A 69 6.46 32.55 0.24
N ARG A 70 7.15 31.83 -0.61
CA ARG A 70 8.28 30.99 -0.17
C ARG A 70 9.59 31.67 0.14
N ASP A 71 9.83 32.79 -0.55
CA ASP A 71 10.99 33.61 -0.31
C ASP A 71 10.99 34.10 1.13
N GLY A 72 9.82 34.34 1.69
CA GLY A 72 9.74 34.94 3.00
C GLY A 72 9.66 33.93 4.11
N LEU A 73 9.73 32.65 3.76
CA LEU A 73 9.42 31.65 4.75
C LEU A 73 10.45 31.54 5.92
N GLU A 74 11.71 31.88 5.62
CA GLU A 74 12.72 31.87 6.65
C GLU A 74 12.42 33.00 7.68
N GLY A 75 11.90 34.13 7.21
CA GLY A 75 11.44 35.25 8.08
C GLY A 75 10.21 34.90 8.84
N LEU A 76 9.31 34.11 8.24
CA LEU A 76 8.18 33.62 9.02
C LEU A 76 8.67 32.78 10.17
N ALA A 77 9.58 31.86 9.88
CA ALA A 77 10.09 30.99 10.92
C ALA A 77 10.68 31.76 12.14
N ARG A 78 11.40 32.85 11.88
CA ARG A 78 11.90 33.72 12.98
C ARG A 78 10.71 34.30 13.75
N GLN A 79 9.68 34.71 13.05
CA GLN A 79 8.45 35.23 13.69
C GLN A 79 7.83 34.17 14.55
N VAL A 80 7.83 32.92 14.05
CA VAL A 80 7.19 31.85 14.77
C VAL A 80 7.83 31.56 16.11
N VAL A 81 9.13 31.67 16.20
CA VAL A 81 9.85 31.36 17.43
C VAL A 81 9.81 32.49 18.45
N ASP A 82 9.46 33.65 18.03
CA ASP A 82 9.51 34.85 18.93
C ASP A 82 8.58 34.84 20.16
N PRO A 83 7.31 34.49 19.99
CA PRO A 83 6.42 34.63 21.19
C PRO A 83 6.69 33.70 22.38
N PHE A 84 6.96 32.42 22.10
CA PHE A 84 7.07 31.40 23.10
C PHE A 84 8.39 30.58 23.01
N GLY A 85 9.23 30.91 22.06
CA GLY A 85 10.44 30.13 21.82
C GLY A 85 10.22 29.12 20.73
N ALA A 86 11.21 28.27 20.57
CA ALA A 86 11.16 27.30 19.44
C ALA A 86 10.01 26.35 19.62
N PRO A 87 9.23 26.15 18.54
CA PRO A 87 8.17 25.15 18.68
C PRO A 87 8.68 23.72 18.75
N ASP A 88 7.98 22.92 19.54
CA ASP A 88 8.24 21.50 19.74
C ASP A 88 7.36 20.67 18.76
N ILE A 89 6.26 21.26 18.31
CA ILE A 89 5.21 20.59 17.54
C ILE A 89 4.95 21.48 16.32
N LEU A 90 4.88 20.91 15.13
CA LEU A 90 4.57 21.69 13.94
C LEU A 90 3.50 20.94 13.12
N VAL A 91 2.40 21.63 12.82
CA VAL A 91 1.21 21.05 12.18
C VAL A 91 0.97 21.76 10.91
N HIS A 92 1.12 21.09 9.74
CA HIS A 92 1.01 21.70 8.46
C HIS A 92 -0.37 21.48 7.89
N ALA A 93 -1.32 22.28 8.36
CA ALA A 93 -2.71 22.16 7.95
C ALA A 93 -3.16 23.14 6.88
N ALA A 94 -2.35 24.08 6.47
CA ALA A 94 -2.65 24.96 5.34
C ALA A 94 -2.66 24.12 4.05
N GLY A 95 -3.56 24.38 3.15
CA GLY A 95 -3.59 23.59 1.92
C GLY A 95 -4.64 24.13 0.96
N ILE A 96 -4.56 23.71 -0.28
CA ILE A 96 -5.48 24.17 -1.29
C ILE A 96 -5.85 23.04 -2.19
N ASN A 97 -7.05 23.07 -2.72
CA ASN A 97 -7.46 22.25 -3.87
C ASN A 97 -8.17 23.11 -4.88
N THR A 98 -7.50 23.33 -6.02
CA THR A 98 -8.04 24.22 -7.07
C THR A 98 -9.16 23.56 -7.84
N ARG A 99 -9.28 22.24 -7.69
CA ARG A 99 -10.32 21.39 -8.34
C ARG A 99 -10.32 21.45 -9.83
N GLN A 100 -9.15 21.68 -10.44
CA GLN A 100 -9.05 21.72 -11.92
C GLN A 100 -8.84 20.32 -12.44
N PRO A 101 -9.81 19.80 -13.22
CA PRO A 101 -9.54 18.55 -13.82
C PRO A 101 -8.34 18.61 -14.78
N ALA A 102 -7.75 17.44 -15.07
CA ALA A 102 -6.51 17.38 -15.81
C ALA A 102 -6.48 18.26 -17.04
N ASP A 103 -7.51 18.19 -17.87
CA ASP A 103 -7.49 18.94 -19.16
C ASP A 103 -7.55 20.43 -18.96
N GLU A 104 -7.98 20.85 -17.83
CA GLU A 104 -8.13 22.26 -17.52
C GLU A 104 -7.12 22.78 -16.49
N VAL A 105 -6.15 21.94 -16.10
CA VAL A 105 -5.09 22.44 -15.24
C VAL A 105 -4.33 23.58 -15.86
N THR A 106 -4.10 24.64 -15.10
CA THR A 106 -3.30 25.79 -15.52
C THR A 106 -1.94 25.72 -14.78
N PRO A 107 -0.91 26.31 -15.40
CA PRO A 107 0.38 26.31 -14.72
C PRO A 107 0.29 26.92 -13.33
N GLU A 108 -0.46 28.02 -13.23
CA GLU A 108 -0.71 28.66 -11.98
C GLU A 108 -1.41 27.77 -10.89
N GLY A 109 -2.46 27.03 -11.31
CA GLY A 109 -3.16 26.17 -10.39
C GLY A 109 -2.37 24.97 -10.00
N TRP A 110 -1.59 24.42 -10.93
CA TRP A 110 -0.65 23.38 -10.57
C TRP A 110 0.42 23.82 -9.55
N ASP A 111 1.02 24.95 -9.85
CA ASP A 111 2.09 25.47 -9.03
C ASP A 111 1.66 25.87 -7.65
N ILE A 112 0.44 26.47 -7.47
CA ILE A 112 0.04 26.96 -6.16
C ILE A 112 -0.23 25.72 -5.31
N THR A 113 -0.69 24.64 -5.97
CA THR A 113 -1.04 23.44 -5.22
C THR A 113 0.22 22.76 -4.69
N LEU A 114 1.23 22.61 -5.52
CA LEU A 114 2.52 22.07 -5.04
C LEU A 114 3.22 22.96 -4.03
N THR A 115 3.18 24.26 -4.25
CA THR A 115 3.77 25.22 -3.27
C THR A 115 3.16 25.05 -1.88
N LEU A 116 1.84 25.25 -1.76
CA LEU A 116 1.20 25.28 -0.48
C LEU A 116 1.13 23.92 0.20
N ASN A 117 0.98 22.83 -0.59
CA ASN A 117 0.72 21.55 -0.02
C ASN A 117 1.93 20.66 0.25
N LEU A 118 3.02 20.99 -0.43
CA LEU A 118 4.16 20.18 -0.47
C LEU A 118 5.43 20.94 -0.16
N SER A 119 5.69 22.00 -0.90
CA SER A 119 6.99 22.74 -0.77
C SER A 119 7.05 23.52 0.54
N VAL A 120 5.97 24.24 0.90
CA VAL A 120 5.92 25.01 2.13
C VAL A 120 6.06 24.08 3.38
N PRO A 121 5.36 22.94 3.48
CA PRO A 121 5.60 22.07 4.61
C PRO A 121 7.07 21.74 4.68
N PHE A 122 7.65 21.36 3.56
CA PHE A 122 9.11 20.98 3.61
C PHE A 122 9.99 22.13 4.20
N PHE A 123 9.95 23.27 3.55
CA PHE A 123 10.88 24.35 3.95
C PHE A 123 10.59 24.87 5.33
N LEU A 124 9.29 25.06 5.68
CA LEU A 124 9.03 25.53 7.05
C LEU A 124 9.54 24.54 8.06
N SER A 125 9.39 23.22 7.81
CA SER A 125 9.98 22.20 8.70
C SER A 125 11.52 22.38 8.72
N GLN A 126 12.15 22.45 7.57
CA GLN A 126 13.59 22.63 7.47
C GLN A 126 14.11 23.77 8.37
N TYR A 127 13.35 24.86 8.40
CA TYR A 127 13.73 26.01 9.17
C TYR A 127 13.54 25.82 10.66
N LEU A 128 12.55 25.02 11.07
CA LEU A 128 12.15 24.90 12.43
C LEU A 128 12.74 23.72 13.14
N VAL A 129 13.24 22.73 12.40
CA VAL A 129 13.77 21.51 13.03
C VAL A 129 15.00 21.79 13.96
N PRO A 130 15.87 22.77 13.63
CA PRO A 130 17.04 22.99 14.48
C PRO A 130 16.74 23.13 15.96
N GLY A 131 15.64 23.87 16.25
CA GLY A 131 15.23 23.97 17.62
C GLY A 131 14.79 22.68 18.33
N MET A 132 14.12 21.84 17.55
CA MET A 132 13.78 20.53 18.04
C MET A 132 14.99 19.65 18.24
N LYS A 133 15.89 19.67 17.27
CA LYS A 133 17.13 18.92 17.41
C LYS A 133 17.88 19.29 18.70
N ALA A 134 17.97 20.57 19.00
CA ALA A 134 18.61 21.04 20.20
C ALA A 134 18.00 20.40 21.47
N ARG A 135 16.68 20.15 21.47
CA ARG A 135 15.97 19.60 22.66
C ARG A 135 15.86 18.13 22.59
N GLY A 136 16.18 17.56 21.45
CA GLY A 136 16.15 16.12 21.23
C GLY A 136 14.74 15.55 21.15
N TRP A 137 13.80 16.38 20.76
CA TRP A 137 12.33 16.02 20.81
C TRP A 137 11.53 16.92 19.84
N GLY A 138 10.76 16.31 18.90
CA GLY A 138 9.88 17.13 18.09
C GLY A 138 8.73 16.25 17.52
N ARG A 139 7.64 16.91 17.16
CA ARG A 139 6.50 16.26 16.45
C ARG A 139 6.17 17.09 15.24
N ILE A 140 6.23 16.46 14.06
CA ILE A 140 5.72 17.04 12.83
C ILE A 140 4.48 16.28 12.37
N VAL A 141 3.41 17.01 12.08
CA VAL A 141 2.12 16.43 11.64
C VAL A 141 1.80 17.07 10.35
N ASN A 142 2.00 16.31 9.30
CA ASN A 142 1.56 16.71 7.95
C ASN A 142 0.14 16.25 7.72
N PHE A 143 -0.52 16.75 6.65
CA PHE A 143 -1.89 16.38 6.32
C PHE A 143 -1.95 15.63 4.98
N ALA A 144 -2.13 14.35 5.09
CA ALA A 144 -2.36 13.51 3.91
C ALA A 144 -3.87 13.58 3.58
N SER A 145 -4.36 12.73 2.73
CA SER A 145 -5.73 12.85 2.15
C SER A 145 -6.14 11.47 1.64
N LEU A 146 -7.43 11.27 1.46
CA LEU A 146 -7.85 10.17 0.68
C LEU A 146 -7.18 10.18 -0.69
N GLN A 147 -6.90 11.38 -1.22
CA GLN A 147 -6.22 11.52 -2.52
C GLN A 147 -4.69 11.37 -2.44
N THR A 148 -4.16 10.89 -1.34
CA THR A 148 -2.84 10.23 -1.29
C THR A 148 -2.83 8.92 -2.07
N THR A 149 -3.98 8.26 -2.14
CA THR A 149 -4.17 6.97 -2.71
C THR A 149 -5.30 6.82 -3.73
N ARG A 150 -6.34 7.68 -3.70
CA ARG A 150 -7.49 7.48 -4.53
C ARG A 150 -7.79 8.80 -5.28
N ALA A 151 -7.87 8.74 -6.60
CA ALA A 151 -8.03 9.93 -7.42
C ALA A 151 -9.54 10.26 -7.58
N PHE A 152 -9.90 11.50 -7.28
CA PHE A 152 -11.27 12.03 -7.29
C PHE A 152 -11.36 13.07 -8.40
N PRO A 153 -12.58 13.37 -8.78
CA PRO A 153 -12.68 14.34 -9.90
C PRO A 153 -12.08 15.65 -9.59
N GLY A 154 -11.37 16.25 -10.56
CA GLY A 154 -10.79 17.60 -10.29
C GLY A 154 -9.54 17.56 -9.37
N GLY A 155 -9.05 16.38 -9.10
CA GLY A 155 -8.08 16.22 -8.05
C GLY A 155 -6.62 16.10 -8.47
N ILE A 156 -6.29 16.20 -9.73
CA ILE A 156 -4.97 15.74 -10.15
C ILE A 156 -3.75 16.46 -9.53
N ALA A 157 -3.71 17.78 -9.52
CA ALA A 157 -2.61 18.45 -8.84
C ALA A 157 -2.62 18.18 -7.30
N TYR A 158 -3.84 18.13 -6.71
CA TYR A 158 -4.02 17.90 -5.33
C TYR A 158 -3.49 16.55 -4.95
N GLY A 159 -3.87 15.51 -5.72
CA GLY A 159 -3.41 14.16 -5.40
C GLY A 159 -1.91 14.07 -5.67
N ALA A 160 -1.43 14.64 -6.77
CA ALA A 160 0.08 14.72 -6.89
C ALA A 160 0.74 15.26 -5.60
N SER A 161 0.18 16.34 -5.03
CA SER A 161 0.77 16.95 -3.87
C SER A 161 0.68 16.05 -2.67
N LYS A 162 -0.46 15.38 -2.55
CA LYS A 162 -0.75 14.60 -1.38
C LYS A 162 -0.11 13.15 -1.45
N GLY A 163 0.14 12.60 -2.63
CA GLY A 163 0.98 11.45 -2.71
C GLY A 163 2.40 11.82 -2.37
N GLY A 164 2.77 13.03 -2.78
CA GLY A 164 4.06 13.63 -2.41
C GLY A 164 4.16 13.77 -0.88
N VAL A 165 3.11 14.30 -0.24
CA VAL A 165 3.19 14.47 1.20
C VAL A 165 3.50 13.17 1.93
N ALA A 166 2.86 12.07 1.54
CA ALA A 166 3.04 10.82 2.26
C ALA A 166 4.52 10.43 2.14
N GLN A 167 5.11 10.43 0.97
CA GLN A 167 6.53 10.04 0.85
C GLN A 167 7.42 11.03 1.52
N MET A 168 7.07 12.30 1.41
CA MET A 168 7.82 13.35 2.13
C MET A 168 7.83 13.08 3.64
N THR A 169 6.72 12.54 4.17
CA THR A 169 6.61 12.31 5.61
C THR A 169 7.55 11.15 5.98
N ARG A 170 7.62 10.11 5.15
CA ARG A 170 8.55 9.03 5.35
C ARG A 170 10.00 9.54 5.33
N ALA A 171 10.28 10.41 4.37
CA ALA A 171 11.59 11.01 4.18
C ALA A 171 11.96 11.95 5.34
N MET A 172 11.00 12.68 5.88
CA MET A 172 11.21 13.49 7.09
C MET A 172 11.62 12.62 8.27
N ALA A 173 10.94 11.50 8.42
CA ALA A 173 11.32 10.57 9.48
C ALA A 173 12.72 10.03 9.24
N GLU A 174 13.05 9.64 8.03
CA GLU A 174 14.36 9.04 7.74
C GLU A 174 15.48 10.05 8.09
N ALA A 175 15.25 11.31 7.79
CA ALA A 175 16.26 12.38 8.10
C ALA A 175 16.31 12.78 9.55
N TRP A 176 15.17 12.92 10.18
CA TRP A 176 15.06 13.62 11.47
C TRP A 176 14.74 12.77 12.63
N SER A 177 14.09 11.61 12.46
CA SER A 177 13.83 10.74 13.59
C SER A 177 15.02 10.19 14.37
N PRO A 178 16.24 10.17 13.77
CA PRO A 178 17.35 9.74 14.64
C PRO A 178 17.65 10.78 15.77
N HIS A 179 17.09 11.96 15.64
CA HIS A 179 17.34 13.14 16.50
C HIS A 179 16.18 13.45 17.40
N GLY A 180 15.19 12.57 17.47
CA GLY A 180 14.11 12.71 18.41
C GLY A 180 12.84 13.32 17.84
N ILE A 181 12.90 13.63 16.56
CA ILE A 181 11.76 14.24 15.89
C ILE A 181 10.96 13.19 15.13
N THR A 182 9.70 13.00 15.48
CA THR A 182 8.87 12.12 14.66
C THR A 182 8.12 12.91 13.62
N ALA A 183 7.81 12.25 12.48
CA ALA A 183 7.04 12.91 11.43
C ALA A 183 5.99 11.89 10.97
N ASN A 184 4.75 12.30 10.99
CA ASN A 184 3.65 11.51 10.55
C ASN A 184 2.60 12.37 9.86
N ALA A 185 1.63 11.75 9.20
CA ALA A 185 0.62 12.49 8.46
C ALA A 185 -0.75 12.04 8.90
N LEU A 186 -1.62 12.94 9.27
CA LEU A 186 -3.01 12.67 9.51
C LEU A 186 -3.66 12.65 8.17
N GLY A 187 -4.46 11.62 7.94
CA GLY A 187 -5.23 11.53 6.72
C GLY A 187 -6.74 11.65 6.99
N PRO A 188 -7.24 12.88 7.03
CA PRO A 188 -8.70 13.01 7.17
C PRO A 188 -9.47 12.43 6.01
N GLY A 189 -10.65 11.87 6.22
CA GLY A 189 -11.59 11.55 5.14
C GLY A 189 -12.30 12.85 4.79
N PHE A 190 -13.62 12.80 4.70
CA PHE A 190 -14.35 14.01 4.27
C PHE A 190 -14.95 14.69 5.48
N PHE A 191 -14.45 15.90 5.70
CA PHE A 191 -14.92 16.78 6.83
C PHE A 191 -15.42 18.06 6.13
N ARG A 192 -16.40 18.70 6.73
CA ARG A 192 -16.94 19.95 6.21
C ARG A 192 -16.00 21.13 6.46
N THR A 193 -15.34 21.54 5.39
CA THR A 193 -14.33 22.62 5.39
C THR A 193 -14.42 23.39 4.10
N GLU A 194 -13.56 24.39 3.98
CA GLU A 194 -13.35 25.15 2.74
C GLU A 194 -12.96 24.28 1.47
N LEU A 195 -12.16 23.23 1.68
CA LEU A 195 -11.61 22.42 0.58
C LEU A 195 -12.67 21.51 -0.04
N THR A 196 -13.71 21.24 0.75
CA THR A 196 -14.69 20.18 0.45
C THR A 196 -16.06 20.76 0.18
N ALA A 197 -16.21 22.08 0.23
CA ALA A 197 -17.50 22.71 -0.27
C ALA A 197 -18.35 22.00 -1.39
N PRO A 198 -17.79 21.58 -2.54
CA PRO A 198 -18.59 20.76 -3.53
C PRO A 198 -19.05 19.36 -3.05
N VAL A 199 -18.20 18.64 -2.33
CA VAL A 199 -18.57 17.32 -1.80
C VAL A 199 -19.78 17.48 -0.85
N PHE A 200 -19.88 18.60 -0.12
CA PHE A 200 -20.96 18.75 0.88
C PHE A 200 -22.20 19.54 0.41
N ALA A 201 -21.99 20.38 -0.58
CA ALA A 201 -23.05 21.24 -1.02
C ALA A 201 -24.12 20.44 -1.73
N ASP A 202 -23.71 19.38 -2.43
CA ASP A 202 -24.64 18.45 -3.09
C ASP A 202 -24.96 17.34 -2.09
N PRO A 203 -26.19 17.29 -1.59
CA PRO A 203 -26.37 16.34 -0.44
C PRO A 203 -26.25 14.87 -0.89
N GLU A 204 -26.55 14.59 -2.13
CA GLU A 204 -26.54 13.25 -2.67
C GLU A 204 -25.08 12.78 -2.69
N ARG A 205 -24.21 13.70 -3.09
CA ARG A 205 -22.77 13.43 -3.04
C ARG A 205 -22.23 13.21 -1.59
N ALA A 206 -22.59 14.10 -0.68
CA ALA A 206 -22.24 13.98 0.69
C ALA A 206 -22.69 12.59 1.20
N ALA A 207 -23.94 12.19 0.90
CA ALA A 207 -24.44 10.92 1.46
C ALA A 207 -23.73 9.76 0.82
N ARG A 208 -23.42 9.82 -0.48
CA ARG A 208 -22.63 8.75 -1.10
C ARG A 208 -21.25 8.56 -0.40
N ASN A 209 -20.59 9.69 -0.13
CA ASN A 209 -19.33 9.67 0.56
C ASN A 209 -19.46 9.15 1.98
N ALA A 210 -20.51 9.51 2.66
CA ALA A 210 -20.76 8.90 3.99
C ALA A 210 -20.96 7.41 3.91
N ALA A 211 -21.65 6.94 2.90
CA ALA A 211 -21.97 5.50 2.79
C ALA A 211 -20.73 4.72 2.36
N GLN A 212 -19.74 5.40 1.74
CA GLN A 212 -18.45 4.77 1.45
C GLN A 212 -17.58 4.45 2.68
N THR A 213 -17.82 5.08 3.84
CA THR A 213 -17.11 4.77 4.98
C THR A 213 -17.67 3.47 5.62
N CYS A 214 -16.93 2.88 6.57
CA CYS A 214 -17.45 1.71 7.28
C CYS A 214 -18.47 2.13 8.33
N ILE A 215 -18.26 3.28 8.91
CA ILE A 215 -19.14 3.73 10.02
C ILE A 215 -20.47 4.19 9.41
N GLY A 216 -20.40 4.82 8.24
CA GLY A 216 -21.59 5.34 7.62
C GLY A 216 -21.83 6.81 7.79
N ARG A 217 -20.81 7.59 8.17
CA ARG A 217 -20.97 9.02 8.32
C ARG A 217 -19.71 9.73 7.91
N ASN A 218 -19.88 11.00 7.49
CA ASN A 218 -18.72 11.87 7.28
C ASN A 218 -18.11 12.37 8.63
N GLY A 219 -16.98 13.07 8.54
CA GLY A 219 -16.26 13.44 9.71
C GLY A 219 -16.83 14.72 10.31
N GLU A 220 -16.79 14.74 11.61
CA GLU A 220 -17.04 15.92 12.45
C GLU A 220 -15.73 16.50 13.04
N PRO A 221 -15.68 17.83 13.23
CA PRO A 221 -14.46 18.45 13.72
C PRO A 221 -13.78 17.71 14.94
N GLU A 222 -14.58 17.31 15.92
CA GLU A 222 -14.06 16.60 17.08
C GLU A 222 -13.31 15.27 16.80
N ASP A 223 -13.61 14.63 15.67
CA ASP A 223 -13.03 13.32 15.28
C ASP A 223 -11.52 13.46 15.07
N LEU A 224 -11.03 14.68 14.84
CA LEU A 224 -9.56 14.82 14.69
C LEU A 224 -8.80 15.14 15.95
N ASP A 225 -9.49 15.43 17.04
CA ASP A 225 -8.80 15.82 18.28
C ASP A 225 -7.90 14.72 18.89
N GLY A 226 -8.43 13.51 19.06
CA GLY A 226 -7.73 12.37 19.55
C GLY A 226 -6.53 12.04 18.68
N PRO A 227 -6.77 11.82 17.35
CA PRO A 227 -5.62 11.40 16.55
C PRO A 227 -4.51 12.51 16.55
N LEU A 228 -4.89 13.75 16.57
CA LEU A 228 -3.94 14.88 16.64
C LEU A 228 -3.14 14.81 17.89
N LEU A 229 -3.80 14.73 19.05
CA LEU A 229 -3.08 14.77 20.26
C LEU A 229 -2.17 13.56 20.40
N PHE A 230 -2.63 12.39 19.93
CA PHE A 230 -1.79 11.20 19.89
C PHE A 230 -0.47 11.46 19.13
N LEU A 231 -0.55 12.03 17.94
CA LEU A 231 0.63 12.30 17.11
C LEU A 231 1.52 13.46 17.58
N CYS A 232 0.98 14.22 18.54
CA CYS A 232 1.70 15.41 19.10
C CYS A 232 2.28 15.17 20.47
N SER A 233 2.26 13.96 20.97
CA SER A 233 2.54 13.65 22.40
C SER A 233 3.51 12.48 22.58
N GLN A 234 3.89 12.17 23.82
CA GLN A 234 4.82 11.11 24.10
C GLN A 234 4.25 9.73 23.68
N ALA A 235 2.94 9.64 23.62
CA ALA A 235 2.26 8.40 23.25
C ALA A 235 2.74 7.81 21.95
N SER A 236 3.09 8.67 21.02
CA SER A 236 3.49 8.26 19.72
C SER A 236 5.01 8.23 19.47
N ALA A 237 5.80 8.12 20.53
CA ALA A 237 7.27 8.27 20.38
C ALA A 237 7.85 7.25 19.41
N TYR A 238 7.28 6.05 19.33
CA TYR A 238 7.81 4.98 18.42
C TYR A 238 6.98 4.88 17.11
N VAL A 239 6.19 5.88 16.82
CA VAL A 239 5.38 5.90 15.59
C VAL A 239 6.04 7.02 14.79
N THR A 240 6.59 6.70 13.60
CA THR A 240 7.17 7.71 12.77
C THR A 240 7.15 7.25 11.35
N GLY A 241 6.93 8.20 10.45
CA GLY A 241 6.91 7.87 9.04
C GLY A 241 5.62 7.24 8.61
N GLN A 242 4.57 7.45 9.35
CA GLN A 242 3.28 6.76 9.11
C GLN A 242 2.19 7.78 8.64
N VAL A 243 1.21 7.28 7.89
CA VAL A 243 -0.01 8.01 7.56
C VAL A 243 -1.12 7.33 8.35
N LEU A 244 -1.79 8.10 9.16
CA LEU A 244 -2.87 7.66 10.02
C LEU A 244 -4.17 8.20 9.49
N MET A 245 -4.98 7.35 8.85
CA MET A 245 -6.20 7.77 8.24
C MET A 245 -7.30 7.88 9.30
N VAL A 246 -7.99 8.99 9.21
CA VAL A 246 -9.10 9.35 10.14
C VAL A 246 -10.25 9.57 9.23
N ASP A 247 -10.84 8.47 8.80
CA ASP A 247 -11.75 8.44 7.74
C ASP A 247 -12.98 7.54 7.88
N GLY A 248 -13.23 7.09 9.07
CA GLY A 248 -14.38 6.26 9.33
C GLY A 248 -14.35 4.94 8.54
N GLY A 249 -13.18 4.56 8.08
CA GLY A 249 -12.99 3.34 7.26
C GLY A 249 -13.26 3.48 5.77
N TYR A 250 -13.31 4.69 5.25
CA TYR A 250 -13.36 4.93 3.80
C TYR A 250 -12.33 4.07 3.10
N THR A 251 -11.09 4.08 3.57
CA THR A 251 -9.97 3.36 2.90
C THR A 251 -9.98 1.86 3.15
N ALA A 252 -10.89 1.35 3.96
CA ALA A 252 -11.01 -0.10 4.17
C ALA A 252 -11.99 -0.74 3.15
N LYS A 253 -12.68 0.07 2.37
CA LYS A 253 -13.77 -0.41 1.42
C LYS A 253 -13.56 0.06 -0.08
N GLY B 5 -7.89 14.66 27.54
CA GLY B 5 -7.52 13.61 28.53
C GLY B 5 -8.50 12.45 28.64
N TYR B 6 -9.76 12.78 28.97
CA TYR B 6 -10.87 11.81 29.02
C TYR B 6 -11.05 11.04 27.69
N LEU B 7 -10.77 11.73 26.58
CA LEU B 7 -10.75 11.13 25.22
C LEU B 7 -9.95 9.81 25.23
N PHE B 8 -8.93 9.68 26.09
CA PHE B 8 -7.99 8.51 26.04
C PHE B 8 -8.26 7.46 27.15
N SER B 9 -9.36 7.66 27.84
CA SER B 9 -9.69 6.85 29.02
C SER B 9 -10.26 5.47 28.65
N VAL B 10 -9.88 4.49 29.42
CA VAL B 10 -10.47 3.16 29.37
C VAL B 10 -11.10 2.81 30.71
N ARG B 11 -11.18 3.79 31.60
CA ARG B 11 -11.85 3.53 32.90
C ARG B 11 -13.27 3.04 32.72
N GLY B 12 -13.66 1.99 33.43
CA GLY B 12 -15.02 1.52 33.40
C GLY B 12 -15.31 0.61 32.23
N ARG B 13 -14.29 0.39 31.39
CA ARG B 13 -14.49 -0.53 30.25
C ARG B 13 -14.04 -1.90 30.67
N VAL B 14 -14.52 -2.93 29.99
CA VAL B 14 -14.08 -4.28 30.20
C VAL B 14 -13.26 -4.70 28.96
N ALA B 15 -12.07 -5.23 29.20
CA ALA B 15 -11.22 -5.72 28.06
C ALA B 15 -10.92 -7.17 28.24
N CYS B 16 -10.87 -7.87 27.10
CA CYS B 16 -10.35 -9.21 27.02
C CYS B 16 -9.08 -9.14 26.20
N VAL B 17 -8.00 -9.68 26.74
CA VAL B 17 -6.72 -9.72 26.06
C VAL B 17 -6.26 -11.15 25.96
N THR B 18 -6.05 -11.63 24.74
CA THR B 18 -5.47 -12.96 24.56
C THR B 18 -3.94 -12.82 24.50
N GLY B 19 -3.25 -13.89 24.89
CA GLY B 19 -1.80 -13.83 24.95
C GLY B 19 -1.31 -13.08 26.14
N ALA B 20 -2.11 -13.07 27.21
CA ALA B 20 -1.81 -12.17 28.30
C ALA B 20 -0.70 -12.69 29.21
N SER B 21 -0.16 -13.89 29.00
CA SER B 21 0.88 -14.44 29.93
C SER B 21 2.28 -14.01 29.54
N SER B 22 2.47 -13.42 28.34
CA SER B 22 3.78 -12.93 28.03
C SER B 22 3.80 -11.91 26.91
N GLY B 23 4.97 -11.37 26.64
CA GLY B 23 5.14 -10.52 25.49
C GLY B 23 4.25 -9.29 25.48
N LEU B 24 3.87 -8.94 24.26
CA LEU B 24 3.09 -7.76 24.06
C LEU B 24 1.65 -7.87 24.62
N GLY B 25 1.04 -9.03 24.57
CA GLY B 25 -0.23 -9.23 25.18
C GLY B 25 -0.22 -8.99 26.70
N ARG B 26 0.83 -9.45 27.37
CA ARG B 26 0.96 -9.20 28.79
C ARG B 26 1.12 -7.72 29.06
N ARG B 27 1.94 -7.02 28.26
CA ARG B 27 2.08 -5.57 28.40
C ARG B 27 0.70 -4.94 28.22
N ALA B 28 -0.03 -5.34 27.15
CA ALA B 28 -1.32 -4.63 26.83
C ALA B 28 -2.30 -4.80 28.05
N ALA B 29 -2.33 -6.03 28.54
CA ALA B 29 -3.26 -6.42 29.61
C ALA B 29 -2.98 -5.63 30.91
N THR B 30 -1.71 -5.47 31.20
CA THR B 30 -1.25 -4.64 32.32
C THR B 30 -1.54 -3.16 32.16
N VAL B 31 -1.24 -2.59 30.96
CA VAL B 31 -1.54 -1.21 30.70
C VAL B 31 -3.02 -0.91 30.90
N LEU B 32 -3.92 -1.80 30.40
CA LEU B 32 -5.33 -1.58 30.38
C LEU B 32 -5.78 -1.64 31.88
N ALA B 33 -5.21 -2.57 32.59
CA ALA B 33 -5.60 -2.74 34.01
C ALA B 33 -5.14 -1.57 34.82
N GLN B 34 -3.93 -1.11 34.57
CA GLN B 34 -3.40 0.06 35.30
C GLN B 34 -4.15 1.31 34.92
N ALA B 35 -4.74 1.36 33.71
CA ALA B 35 -5.49 2.51 33.29
C ALA B 35 -6.97 2.49 33.71
N GLY B 36 -7.36 1.45 34.49
CA GLY B 36 -8.66 1.41 35.05
C GLY B 36 -9.70 0.57 34.39
N ALA B 37 -9.33 -0.10 33.29
CA ALA B 37 -10.22 -1.14 32.81
C ALA B 37 -10.23 -2.41 33.65
N GLN B 38 -11.35 -3.13 33.63
CA GLN B 38 -11.35 -4.54 34.13
C GLN B 38 -10.89 -5.43 33.03
N VAL B 39 -9.89 -6.23 33.32
CA VAL B 39 -9.20 -7.02 32.29
C VAL B 39 -9.31 -8.50 32.51
N VAL B 40 -9.82 -9.18 31.46
CA VAL B 40 -9.79 -10.63 31.40
C VAL B 40 -8.64 -11.11 30.54
N GLY B 41 -7.64 -11.80 31.14
CA GLY B 41 -6.44 -12.19 30.44
C GLY B 41 -6.59 -13.66 30.13
N VAL B 42 -6.37 -14.04 28.86
CA VAL B 42 -6.44 -15.41 28.39
C VAL B 42 -5.11 -15.88 27.83
N ALA B 43 -4.61 -17.01 28.37
CA ALA B 43 -3.40 -17.59 27.93
C ALA B 43 -3.36 -19.08 28.34
N ARG B 44 -2.37 -19.82 27.91
CA ARG B 44 -2.35 -21.27 28.14
C ARG B 44 -2.12 -21.56 29.65
N ARG B 45 -1.14 -20.87 30.22
CA ARG B 45 -0.62 -21.26 31.52
C ARG B 45 -1.17 -20.45 32.69
N ALA B 46 -1.80 -21.18 33.59
CA ALA B 46 -2.32 -20.63 34.82
C ALA B 46 -1.25 -19.92 35.62
N ASP B 47 -0.03 -20.47 35.73
CA ASP B 47 0.95 -19.85 36.66
C ASP B 47 1.50 -18.59 36.07
N ALA B 48 1.59 -18.56 34.75
CA ALA B 48 2.06 -17.35 34.11
C ALA B 48 1.01 -16.21 34.22
N LEU B 49 -0.26 -16.59 34.08
CA LEU B 49 -1.36 -15.67 34.27
C LEU B 49 -1.42 -15.15 35.71
N ALA B 50 -1.05 -15.97 36.65
CA ALA B 50 -1.11 -15.53 38.03
C ALA B 50 0.01 -14.49 38.32
N GLU B 51 1.15 -14.65 37.69
CA GLU B 51 2.21 -13.64 37.80
C GLU B 51 1.80 -12.36 37.15
N TRP B 52 1.19 -12.48 35.95
CA TRP B 52 0.59 -11.32 35.34
C TRP B 52 -0.37 -10.57 36.31
N GLN B 53 -1.29 -11.29 36.94
CA GLN B 53 -2.32 -10.65 37.73
C GLN B 53 -1.62 -9.89 38.89
N ALA B 54 -0.56 -10.51 39.38
CA ALA B 54 0.22 -9.92 40.49
C ALA B 54 0.94 -8.59 40.11
N GLU B 55 1.64 -8.61 38.96
CA GLU B 55 2.18 -7.39 38.34
C GLU B 55 1.15 -6.33 38.04
N ALA B 56 -0.03 -6.74 37.63
CA ALA B 56 -0.90 -5.82 36.96
C ALA B 56 -1.58 -4.93 37.98
N GLY B 57 -1.98 -5.46 39.12
CA GLY B 57 -2.87 -4.66 39.97
C GLY B 57 -4.25 -4.49 39.39
N GLY B 58 -4.96 -3.43 39.83
CA GLY B 58 -6.29 -3.16 39.38
C GLY B 58 -7.22 -4.33 39.53
N GLU B 59 -8.18 -4.43 38.59
CA GLU B 59 -9.19 -5.46 38.56
C GLU B 59 -8.97 -6.32 37.33
N THR B 60 -8.64 -7.56 37.58
CA THR B 60 -8.39 -8.52 36.52
C THR B 60 -8.95 -9.89 36.87
N HIS B 61 -9.01 -10.75 35.84
CA HIS B 61 -9.40 -12.13 35.94
C HIS B 61 -8.59 -12.93 34.92
N ALA B 62 -8.11 -14.09 35.31
CA ALA B 62 -7.33 -14.95 34.48
C ALA B 62 -8.12 -16.19 34.01
N ILE B 63 -8.02 -16.52 32.73
CA ILE B 63 -8.65 -17.71 32.20
C ILE B 63 -7.66 -18.54 31.41
N PRO B 64 -7.22 -19.66 31.96
CA PRO B 64 -6.27 -20.49 31.28
C PRO B 64 -7.04 -21.26 30.20
N TYR B 65 -6.54 -21.19 28.96
CA TYR B 65 -7.22 -21.78 27.82
C TYR B 65 -6.27 -21.93 26.70
N ASP B 66 -6.36 -23.04 25.98
CA ASP B 66 -5.47 -23.32 24.84
C ASP B 66 -6.27 -22.90 23.62
N LEU B 67 -5.86 -21.78 23.12
CA LEU B 67 -6.61 -21.13 22.04
C LEU B 67 -6.45 -21.93 20.72
N SER B 68 -5.58 -22.95 20.68
CA SER B 68 -5.59 -23.85 19.51
C SER B 68 -6.86 -24.69 19.44
N ASP B 69 -7.63 -24.76 20.56
CA ASP B 69 -8.91 -25.50 20.58
C ASP B 69 -10.04 -24.56 20.12
N ARG B 70 -10.32 -24.58 18.82
CA ARG B 70 -11.41 -23.77 18.26
C ARG B 70 -12.81 -24.26 18.55
N ASP B 71 -12.96 -25.57 18.75
CA ASP B 71 -14.23 -26.15 19.08
C ASP B 71 -14.75 -25.56 20.42
N GLY B 72 -13.83 -25.19 21.27
CA GLY B 72 -14.16 -24.69 22.60
C GLY B 72 -14.33 -23.20 22.72
N LEU B 73 -14.11 -22.47 21.65
CA LEU B 73 -14.09 -21.02 21.74
C LEU B 73 -15.38 -20.35 22.16
N GLU B 74 -16.52 -20.91 21.78
CA GLU B 74 -17.76 -20.38 22.22
C GLU B 74 -17.89 -20.50 23.77
N GLY B 75 -17.41 -21.59 24.31
CA GLY B 75 -17.39 -21.72 25.78
C GLY B 75 -16.42 -20.80 26.48
N LEU B 76 -15.27 -20.60 25.84
CA LEU B 76 -14.36 -19.60 26.31
C LEU B 76 -15.05 -18.23 26.38
N ALA B 77 -15.74 -17.88 25.31
CA ALA B 77 -16.39 -16.57 25.26
C ALA B 77 -17.38 -16.38 26.44
N ARG B 78 -18.15 -17.40 26.77
CA ARG B 78 -19.02 -17.35 27.94
C ARG B 78 -18.20 -17.18 29.23
N GLN B 79 -17.04 -17.82 29.37
CA GLN B 79 -16.17 -17.61 30.52
C GLN B 79 -15.68 -16.19 30.58
N VAL B 80 -15.36 -15.58 29.42
CA VAL B 80 -14.82 -14.29 29.39
C VAL B 80 -15.84 -13.23 29.85
N VAL B 81 -17.12 -13.45 29.59
CA VAL B 81 -18.13 -12.45 30.01
C VAL B 81 -18.46 -12.50 31.48
N ASP B 82 -18.13 -13.60 32.10
CA ASP B 82 -18.66 -13.88 33.47
C ASP B 82 -18.10 -12.96 34.56
N PRO B 83 -16.78 -12.68 34.58
CA PRO B 83 -16.34 -11.89 35.77
C PRO B 83 -16.76 -10.43 35.84
N PHE B 84 -16.86 -9.75 34.70
CA PHE B 84 -17.07 -8.31 34.62
C PHE B 84 -18.18 -7.88 33.71
N GLY B 85 -18.80 -8.85 33.03
CA GLY B 85 -19.78 -8.57 32.01
C GLY B 85 -19.10 -8.62 30.64
N ALA B 86 -19.89 -8.22 29.65
CA ALA B 86 -19.41 -8.35 28.27
C ALA B 86 -18.32 -7.36 27.99
N PRO B 87 -17.24 -7.83 27.36
CA PRO B 87 -16.16 -6.87 27.12
C PRO B 87 -16.51 -5.81 26.07
N ASP B 88 -16.02 -4.59 26.28
CA ASP B 88 -16.12 -3.50 25.37
C ASP B 88 -14.90 -3.49 24.40
N ILE B 89 -13.79 -4.08 24.85
CA ILE B 89 -12.50 -3.98 24.15
C ILE B 89 -11.97 -5.37 24.02
N LEU B 90 -11.50 -5.76 22.81
CA LEU B 90 -10.95 -7.05 22.63
C LEU B 90 -9.58 -6.87 21.95
N VAL B 91 -8.56 -7.50 22.52
CA VAL B 91 -7.15 -7.37 22.04
C VAL B 91 -6.63 -8.76 21.75
N HIS B 92 -6.43 -9.06 20.46
CA HIS B 92 -6.00 -10.37 20.00
C HIS B 92 -4.48 -10.43 19.84
N ALA B 93 -3.80 -10.60 20.96
CA ALA B 93 -2.31 -10.60 21.02
C ALA B 93 -1.72 -12.00 21.08
N ALA B 94 -2.51 -13.05 21.19
CA ALA B 94 -2.02 -14.42 21.16
C ALA B 94 -1.52 -14.65 19.71
N GLY B 95 -0.38 -15.29 19.55
CA GLY B 95 0.12 -15.61 18.23
C GLY B 95 1.30 -16.52 18.24
N ILE B 96 1.66 -17.06 17.08
CA ILE B 96 2.78 -17.93 16.96
C ILE B 96 3.51 -17.68 15.68
N ASN B 97 4.85 -17.91 15.68
CA ASN B 97 5.61 -18.01 14.44
C ASN B 97 6.44 -19.31 14.60
N THR B 98 6.11 -20.34 13.79
CA THR B 98 6.79 -21.60 13.78
C THR B 98 8.21 -21.48 13.15
N ARG B 99 8.46 -20.42 12.40
CA ARG B 99 9.74 -20.11 11.70
C ARG B 99 10.15 -21.16 10.71
N GLN B 100 9.19 -21.88 10.10
CA GLN B 100 9.51 -22.89 9.14
C GLN B 100 9.65 -22.24 7.78
N PRO B 101 10.85 -22.29 7.12
CA PRO B 101 10.91 -21.78 5.80
C PRO B 101 10.01 -22.62 4.86
N ALA B 102 9.64 -22.03 3.70
CA ALA B 102 8.74 -22.64 2.81
C ALA B 102 8.99 -24.10 2.53
N ASP B 103 10.23 -24.45 2.24
CA ASP B 103 10.48 -25.86 1.82
C ASP B 103 10.32 -26.83 2.98
N GLU B 104 10.30 -26.35 4.19
CA GLU B 104 10.17 -27.15 5.36
C GLU B 104 8.89 -26.95 6.13
N VAL B 105 7.96 -26.22 5.54
CA VAL B 105 6.65 -26.10 6.14
C VAL B 105 5.98 -27.42 6.26
N THR B 106 5.45 -27.73 7.45
CA THR B 106 4.66 -28.96 7.63
C THR B 106 3.18 -28.58 7.66
N PRO B 107 2.30 -29.53 7.36
CA PRO B 107 0.88 -29.23 7.47
C PRO B 107 0.51 -28.73 8.82
N GLU B 108 1.03 -29.37 9.89
CA GLU B 108 0.76 -28.96 11.23
C GLU B 108 1.23 -27.53 11.59
N GLY B 109 2.44 -27.16 11.14
CA GLY B 109 2.97 -25.80 11.42
C GLY B 109 2.25 -24.74 10.65
N TRP B 110 1.87 -25.03 9.40
CA TRP B 110 0.99 -24.17 8.70
C TRP B 110 -0.35 -23.98 9.39
N ASP B 111 -0.99 -25.08 9.73
CA ASP B 111 -2.32 -25.00 10.28
C ASP B 111 -2.33 -24.28 11.62
N ILE B 112 -1.32 -24.50 12.52
CA ILE B 112 -1.39 -23.92 13.85
C ILE B 112 -1.23 -22.39 13.72
N THR B 113 -0.48 -21.98 12.70
CA THR B 113 -0.22 -20.58 12.48
C THR B 113 -1.50 -19.88 12.03
N LEU B 114 -2.20 -20.46 11.06
CA LEU B 114 -3.52 -19.90 10.63
C LEU B 114 -4.54 -19.93 11.72
N THR B 115 -4.57 -20.99 12.51
CA THR B 115 -5.53 -21.11 13.63
C THR B 115 -5.34 -20.01 14.64
N LEU B 116 -4.13 -19.90 15.16
CA LEU B 116 -3.89 -19.00 16.26
C LEU B 116 -3.90 -17.53 15.85
N ASN B 117 -3.40 -17.29 14.65
CA ASN B 117 -3.15 -15.90 14.23
C ASN B 117 -4.27 -15.26 13.45
N LEU B 118 -5.17 -16.06 12.93
CA LEU B 118 -6.12 -15.61 12.00
C LEU B 118 -7.52 -16.12 12.35
N SER B 119 -7.70 -17.43 12.52
CA SER B 119 -9.06 -18.00 12.71
C SER B 119 -9.55 -17.70 14.09
N VAL B 120 -8.74 -17.92 15.13
CA VAL B 120 -9.14 -17.55 16.51
C VAL B 120 -9.53 -16.08 16.70
N PRO B 121 -8.78 -15.09 16.23
CA PRO B 121 -9.23 -13.70 16.29
C PRO B 121 -10.61 -13.57 15.71
N PHE B 122 -10.82 -14.15 14.55
CA PHE B 122 -12.14 -14.00 13.89
C PHE B 122 -13.27 -14.58 14.75
N PHE B 123 -13.11 -15.79 15.22
CA PHE B 123 -14.26 -16.43 15.85
C PHE B 123 -14.47 -15.91 17.24
N LEU B 124 -13.39 -15.68 17.97
CA LEU B 124 -13.63 -15.06 19.29
C LEU B 124 -14.26 -13.74 19.15
N SER B 125 -13.92 -12.95 18.11
CA SER B 125 -14.59 -11.67 17.83
C SER B 125 -16.09 -11.94 17.56
N GLN B 126 -16.36 -12.84 16.66
CA GLN B 126 -17.72 -13.21 16.30
C GLN B 126 -18.57 -13.49 17.51
N TYR B 127 -17.99 -14.20 18.46
CA TYR B 127 -18.74 -14.57 19.68
C TYR B 127 -18.96 -13.42 20.62
N LEU B 128 -18.06 -12.43 20.64
CA LEU B 128 -18.10 -11.36 21.63
C LEU B 128 -18.65 -10.04 21.12
N VAL B 129 -18.77 -9.87 19.79
CA VAL B 129 -19.38 -8.66 19.31
C VAL B 129 -20.85 -8.42 19.73
N PRO B 130 -21.67 -9.49 19.99
CA PRO B 130 -23.10 -9.18 20.34
C PRO B 130 -23.23 -8.19 21.51
N GLY B 131 -22.42 -8.42 22.53
CA GLY B 131 -22.41 -7.53 23.68
C GLY B 131 -22.00 -6.09 23.37
N MET B 132 -21.10 -5.93 22.42
CA MET B 132 -20.75 -4.60 21.96
C MET B 132 -21.86 -3.94 21.15
N LYS B 133 -22.47 -4.69 20.23
CA LYS B 133 -23.59 -4.18 19.42
C LYS B 133 -24.69 -3.66 20.37
N ALA B 134 -24.98 -4.44 21.41
CA ALA B 134 -26.07 -4.09 22.37
C ALA B 134 -25.78 -2.71 22.98
N ARG B 135 -24.52 -2.38 23.23
CA ARG B 135 -24.12 -1.06 23.78
C ARG B 135 -23.83 0.01 22.74
N GLY B 136 -23.79 -0.38 21.48
CA GLY B 136 -23.41 0.48 20.38
C GLY B 136 -22.01 1.02 20.46
N TRP B 137 -21.11 0.26 21.08
CA TRP B 137 -19.71 0.72 21.31
C TRP B 137 -18.76 -0.46 21.44
N GLY B 138 -17.66 -0.52 20.64
CA GLY B 138 -16.68 -1.55 20.82
C GLY B 138 -15.34 -1.15 20.23
N ARG B 139 -14.29 -1.80 20.66
CA ARG B 139 -12.92 -1.67 20.14
C ARG B 139 -12.32 -3.05 19.99
N ILE B 140 -11.95 -3.38 18.74
CA ILE B 140 -11.19 -4.55 18.46
C ILE B 140 -9.79 -4.15 18.01
N VAL B 141 -8.78 -4.68 18.68
CA VAL B 141 -7.37 -4.51 18.34
C VAL B 141 -6.73 -5.83 17.97
N ASN B 142 -6.47 -5.97 16.68
CA ASN B 142 -5.72 -7.10 16.15
C ASN B 142 -4.26 -6.75 16.11
N PHE B 143 -3.39 -7.74 15.91
CA PHE B 143 -1.95 -7.55 15.79
C PHE B 143 -1.46 -7.88 14.39
N ALA B 144 -1.11 -6.85 13.69
CA ALA B 144 -0.47 -7.01 12.37
C ALA B 144 1.03 -7.09 12.65
N SER B 145 1.85 -7.03 11.63
CA SER B 145 3.31 -7.29 11.71
C SER B 145 4.04 -6.54 10.60
N LEU B 146 5.36 -6.40 10.71
CA LEU B 146 6.09 -6.08 9.52
C LEU B 146 5.83 -7.10 8.44
N GLN B 147 5.56 -8.38 8.80
CA GLN B 147 5.28 -9.44 7.82
C GLN B 147 3.81 -9.44 7.31
N THR B 148 3.03 -8.40 7.60
CA THR B 148 1.86 -8.03 6.83
C THR B 148 2.25 -7.59 5.40
N THR B 149 3.46 -6.99 5.23
CA THR B 149 3.90 -6.46 3.99
C THR B 149 5.30 -6.88 3.56
N ARG B 150 6.16 -7.38 4.46
CA ARG B 150 7.56 -7.68 4.10
C ARG B 150 7.91 -9.09 4.57
N ALA B 151 8.40 -9.93 3.66
CA ALA B 151 8.65 -11.35 3.92
C ALA B 151 10.09 -11.55 4.45
N PHE B 152 10.19 -12.15 5.64
CA PHE B 152 11.43 -12.40 6.39
C PHE B 152 11.70 -13.90 6.39
N PRO B 153 12.97 -14.25 6.61
CA PRO B 153 13.25 -15.67 6.58
C PRO B 153 12.43 -16.47 7.57
N GLY B 154 11.98 -17.64 7.14
CA GLY B 154 11.19 -18.50 8.05
C GLY B 154 9.75 -18.03 8.27
N GLY B 155 9.38 -17.03 7.51
CA GLY B 155 8.14 -16.33 7.76
C GLY B 155 6.86 -16.71 6.98
N ILE B 156 6.92 -17.65 6.05
CA ILE B 156 5.83 -17.77 5.09
C ILE B 156 4.42 -18.02 5.64
N ALA B 157 4.23 -18.98 6.53
CA ALA B 157 2.94 -19.12 7.13
C ALA B 157 2.55 -17.92 7.97
N TYR B 158 3.53 -17.36 8.73
CA TYR B 158 3.34 -16.20 9.57
C TYR B 158 2.83 -15.06 8.73
N GLY B 159 3.55 -14.75 7.66
CA GLY B 159 3.18 -13.63 6.79
C GLY B 159 1.84 -13.87 6.12
N ALA B 160 1.58 -15.08 5.67
CA ALA B 160 0.24 -15.41 5.17
C ALA B 160 -0.83 -15.06 6.23
N SER B 161 -0.56 -15.41 7.45
CA SER B 161 -1.56 -15.15 8.48
C SER B 161 -1.70 -13.66 8.73
N LYS B 162 -0.61 -12.91 8.73
CA LYS B 162 -0.63 -11.49 9.02
C LYS B 162 -1.03 -10.58 7.87
N GLY B 163 -0.84 -11.03 6.63
CA GLY B 163 -1.47 -10.38 5.58
C GLY B 163 -2.98 -10.53 5.67
N GLY B 164 -3.37 -11.75 6.05
CA GLY B 164 -4.76 -12.07 6.28
C GLY B 164 -5.31 -11.21 7.42
N VAL B 165 -4.55 -11.03 8.52
CA VAL B 165 -5.07 -10.21 9.62
C VAL B 165 -5.41 -8.78 9.16
N ALA B 166 -4.55 -8.18 8.31
CA ALA B 166 -4.76 -6.81 7.85
C ALA B 166 -6.12 -6.73 7.12
N GLN B 167 -6.37 -7.64 6.18
CA GLN B 167 -7.59 -7.58 5.42
C GLN B 167 -8.77 -7.99 6.26
N MET B 168 -8.58 -8.94 7.18
CA MET B 168 -9.63 -9.29 8.13
C MET B 168 -10.03 -8.07 8.96
N THR B 169 -9.05 -7.23 9.29
CA THR B 169 -9.34 -6.05 10.11
C THR B 169 -10.19 -5.07 9.32
N ARG B 170 -9.88 -4.83 8.04
CA ARG B 170 -10.71 -3.99 7.19
C ARG B 170 -12.15 -4.59 7.08
N ALA B 171 -12.25 -5.89 6.91
CA ALA B 171 -13.54 -6.61 6.81
C ALA B 171 -14.33 -6.54 8.16
N MET B 172 -13.66 -6.62 9.28
CA MET B 172 -14.33 -6.44 10.59
C MET B 172 -14.97 -5.02 10.68
N ALA B 173 -14.20 -4.03 10.26
CA ALA B 173 -14.74 -2.66 10.19
C ALA B 173 -15.95 -2.60 9.26
N GLU B 174 -15.85 -3.18 8.07
CA GLU B 174 -16.97 -3.11 7.15
C GLU B 174 -18.25 -3.78 7.72
N ALA B 175 -18.08 -4.88 8.46
CA ALA B 175 -19.21 -5.58 9.09
C ALA B 175 -19.77 -4.87 10.33
N TRP B 176 -18.87 -4.35 11.13
CA TRP B 176 -19.20 -4.04 12.52
C TRP B 176 -19.19 -2.60 12.85
N SER B 177 -18.44 -1.77 12.11
CA SER B 177 -18.34 -0.35 12.43
C SER B 177 -19.65 0.45 12.21
N PRO B 178 -20.64 -0.09 11.46
CA PRO B 178 -21.92 0.62 11.41
C PRO B 178 -22.61 0.56 12.77
N HIS B 179 -22.13 -0.33 13.64
CA HIS B 179 -22.77 -0.64 14.92
C HIS B 179 -21.99 -0.08 16.07
N GLY B 180 -20.98 0.71 15.78
CA GLY B 180 -20.20 1.42 16.78
C GLY B 180 -18.94 0.70 17.26
N ILE B 181 -18.64 -0.39 16.60
CA ILE B 181 -17.46 -1.17 16.89
C ILE B 181 -16.37 -0.84 15.88
N THR B 182 -15.26 -0.32 16.32
CA THR B 182 -14.13 -0.10 15.42
C THR B 182 -13.22 -1.29 15.50
N ALA B 183 -12.50 -1.56 14.39
CA ALA B 183 -11.55 -2.66 14.35
C ALA B 183 -10.31 -2.09 13.68
N ASN B 184 -9.17 -2.22 14.36
CA ASN B 184 -7.88 -1.77 13.85
C ASN B 184 -6.81 -2.75 14.23
N ALA B 185 -5.62 -2.65 13.62
CA ALA B 185 -4.55 -3.53 13.95
C ALA B 185 -3.35 -2.73 14.34
N LEU B 186 -2.76 -3.05 15.47
CA LEU B 186 -1.46 -2.53 15.85
C LEU B 186 -0.46 -3.32 15.09
N GLY B 187 0.52 -2.65 14.53
CA GLY B 187 1.64 -3.32 13.82
C GLY B 187 2.97 -3.05 14.49
N PRO B 188 3.28 -3.81 15.56
CA PRO B 188 4.58 -3.66 16.13
C PRO B 188 5.74 -3.99 15.17
N GLY B 189 6.88 -3.30 15.28
CA GLY B 189 8.11 -3.68 14.58
C GLY B 189 8.76 -4.71 15.50
N PHE B 190 10.02 -4.55 15.80
CA PHE B 190 10.69 -5.64 16.57
C PHE B 190 10.85 -5.28 18.02
N PHE B 191 10.21 -6.08 18.85
CA PHE B 191 10.17 -5.86 20.31
C PHE B 191 10.67 -7.25 20.81
N ARG B 192 11.35 -7.21 21.94
CA ARG B 192 11.91 -8.40 22.62
C ARG B 192 10.83 -9.20 23.25
N THR B 193 10.45 -10.28 22.62
CA THR B 193 9.38 -11.15 23.14
C THR B 193 9.75 -12.59 22.83
N GLU B 194 8.81 -13.49 23.09
CA GLU B 194 8.93 -14.90 22.72
C GLU B 194 9.07 -15.15 21.19
N LEU B 195 8.33 -14.42 20.35
CA LEU B 195 8.29 -14.72 18.91
C LEU B 195 9.57 -14.31 18.19
N THR B 196 10.32 -13.40 18.80
CA THR B 196 11.44 -12.70 18.15
C THR B 196 12.79 -13.13 18.69
N ALA B 197 12.80 -14.10 19.60
CA ALA B 197 14.10 -14.70 20.12
C ALA B 197 15.32 -14.82 19.16
N PRO B 198 15.22 -15.43 17.93
CA PRO B 198 16.40 -15.31 16.98
C PRO B 198 16.80 -13.84 16.57
N VAL B 199 15.82 -13.01 16.28
CA VAL B 199 16.11 -11.62 15.89
C VAL B 199 16.96 -10.96 16.99
N PHE B 200 16.72 -11.34 18.24
CA PHE B 200 17.44 -10.67 19.33
C PHE B 200 18.64 -11.42 19.86
N ALA B 201 18.59 -12.75 19.73
CA ALA B 201 19.61 -13.61 20.31
C ALA B 201 20.99 -13.39 19.62
N ASP B 202 20.97 -13.13 18.31
CA ASP B 202 22.18 -12.70 17.58
C ASP B 202 22.26 -11.15 17.64
N PRO B 203 23.19 -10.59 18.40
CA PRO B 203 23.23 -9.13 18.47
C PRO B 203 23.44 -8.40 17.12
N GLU B 204 24.15 -8.99 16.23
CA GLU B 204 24.39 -8.35 14.92
C GLU B 204 23.06 -8.21 14.19
N ARG B 205 22.23 -9.24 14.31
CA ARG B 205 20.95 -9.22 13.73
C ARG B 205 20.02 -8.15 14.41
N ALA B 206 20.05 -8.10 15.72
CA ALA B 206 19.25 -7.16 16.48
C ALA B 206 19.67 -5.72 16.02
N ALA B 207 20.98 -5.47 15.89
CA ALA B 207 21.43 -4.14 15.50
C ALA B 207 21.10 -3.81 14.05
N ARG B 208 21.16 -4.76 13.10
CA ARG B 208 20.74 -4.49 11.73
C ARG B 208 19.25 -4.07 11.73
N ASN B 209 18.43 -4.81 12.48
CA ASN B 209 17.00 -4.44 12.57
C ASN B 209 16.81 -3.07 13.18
N ALA B 210 17.57 -2.76 14.21
CA ALA B 210 17.48 -1.40 14.84
C ALA B 210 17.85 -0.33 13.83
N ALA B 211 18.89 -0.58 13.05
CA ALA B 211 19.37 0.39 12.02
C ALA B 211 18.40 0.56 10.84
N GLN B 212 17.54 -0.46 10.59
CA GLN B 212 16.50 -0.36 9.59
C GLN B 212 15.35 0.58 9.96
N THR B 213 15.20 0.97 11.24
CA THR B 213 14.20 1.85 11.60
C THR B 213 14.70 3.29 11.33
N CYS B 214 13.77 4.27 11.32
CA CYS B 214 14.17 5.69 11.22
C CYS B 214 14.79 6.20 12.51
N ILE B 215 14.32 5.72 13.63
CA ILE B 215 14.76 6.26 14.93
C ILE B 215 16.17 5.69 15.23
N GLY B 216 16.37 4.45 14.84
CA GLY B 216 17.62 3.74 15.10
C GLY B 216 17.66 2.82 16.31
N ARG B 217 16.47 2.40 16.81
CA ARG B 217 16.41 1.48 17.98
C ARG B 217 15.25 0.50 17.76
N ASN B 218 15.40 -0.69 18.32
CA ASN B 218 14.23 -1.61 18.44
C ASN B 218 13.21 -1.13 19.49
N GLY B 219 12.07 -1.79 19.49
CA GLY B 219 11.03 -1.38 20.41
C GLY B 219 11.23 -1.82 21.85
N GLU B 220 10.76 -1.00 22.78
CA GLU B 220 10.67 -1.31 24.23
C GLU B 220 9.20 -1.45 24.58
N PRO B 221 8.91 -2.14 25.66
CA PRO B 221 7.57 -2.49 25.97
C PRO B 221 6.65 -1.26 26.11
N GLU B 222 7.14 -0.15 26.67
CA GLU B 222 6.33 1.04 26.89
C GLU B 222 5.90 1.71 25.60
N ASP B 223 6.58 1.38 24.48
CA ASP B 223 6.32 2.01 23.19
C ASP B 223 4.94 1.64 22.68
N LEU B 224 4.38 0.54 23.19
CA LEU B 224 3.03 0.16 22.77
C LEU B 224 1.89 0.70 23.61
N ASP B 225 2.18 1.27 24.78
CA ASP B 225 1.12 1.75 25.61
C ASP B 225 0.24 2.82 24.99
N GLY B 226 0.84 3.90 24.49
CA GLY B 226 0.17 5.00 23.81
C GLY B 226 -0.71 4.54 22.63
N PRO B 227 -0.10 3.81 21.69
CA PRO B 227 -0.87 3.41 20.53
C PRO B 227 -2.05 2.50 20.93
N LEU B 228 -1.83 1.65 21.93
CA LEU B 228 -2.88 0.77 22.42
C LEU B 228 -4.00 1.57 23.02
N LEU B 229 -3.69 2.49 23.95
CA LEU B 229 -4.79 3.17 24.54
C LEU B 229 -5.53 4.05 23.57
N PHE B 230 -4.82 4.59 22.60
CA PHE B 230 -5.47 5.37 21.54
C PHE B 230 -6.50 4.49 20.82
N LEU B 231 -6.12 3.28 20.46
CA LEU B 231 -7.00 2.36 19.73
C LEU B 231 -8.11 1.72 20.57
N CYS B 232 -8.06 1.94 21.88
CA CYS B 232 -9.06 1.39 22.81
C CYS B 232 -9.98 2.45 23.40
N SER B 233 -9.92 3.68 22.89
CA SER B 233 -10.61 4.78 23.52
C SER B 233 -11.43 5.60 22.59
N GLN B 234 -12.16 6.58 23.15
CA GLN B 234 -12.94 7.49 22.39
C GLN B 234 -12.14 8.28 21.35
N ALA B 235 -10.83 8.43 21.61
CA ALA B 235 -9.94 9.23 20.80
C ALA B 235 -9.95 8.70 19.34
N SER B 236 -10.15 7.40 19.18
CA SER B 236 -10.05 6.78 17.82
C SER B 236 -11.40 6.41 17.24
N ALA B 237 -12.45 7.01 17.73
CA ALA B 237 -13.81 6.71 17.20
C ALA B 237 -13.98 6.77 15.69
N TYR B 238 -13.29 7.69 15.03
CA TYR B 238 -13.38 7.82 13.56
C TYR B 238 -12.22 7.18 12.88
N VAL B 239 -11.51 6.32 13.58
CA VAL B 239 -10.39 5.56 13.00
C VAL B 239 -10.92 4.08 13.03
N THR B 240 -11.05 3.46 11.86
CA THR B 240 -11.44 2.09 11.78
C THR B 240 -10.94 1.48 10.47
N GLY B 241 -10.63 0.18 10.53
CA GLY B 241 -10.10 -0.59 9.44
C GLY B 241 -8.68 -0.24 9.09
N GLN B 242 -7.97 0.35 10.02
CA GLN B 242 -6.57 0.76 9.81
C GLN B 242 -5.51 -0.17 10.47
N VAL B 243 -4.29 -0.22 9.89
CA VAL B 243 -3.15 -0.78 10.50
C VAL B 243 -2.26 0.39 10.92
N LEU B 244 -1.93 0.42 12.20
CA LEU B 244 -1.12 1.45 12.75
C LEU B 244 0.22 0.83 13.14
N MET B 245 1.25 1.15 12.37
CA MET B 245 2.54 0.57 12.64
C MET B 245 3.27 1.31 13.76
N VAL B 246 3.79 0.54 14.69
CA VAL B 246 4.58 1.09 15.82
C VAL B 246 5.92 0.39 15.66
N ASP B 247 6.71 1.01 14.82
CA ASP B 247 7.92 0.41 14.34
C ASP B 247 9.12 1.28 14.21
N GLY B 248 9.08 2.45 14.78
CA GLY B 248 10.15 3.41 14.73
C GLY B 248 10.52 3.82 13.31
N GLY B 249 9.60 3.60 12.39
CA GLY B 249 9.73 3.96 10.96
C GLY B 249 10.43 2.89 10.17
N TYR B 250 10.49 1.68 10.67
CA TYR B 250 10.93 0.53 9.85
C TYR B 250 10.31 0.52 8.46
N THR B 251 8.96 0.69 8.40
CA THR B 251 8.26 0.62 7.12
C THR B 251 8.38 1.90 6.30
N ALA B 252 9.01 2.97 6.81
CA ALA B 252 9.28 4.15 6.00
C ALA B 252 10.60 4.05 5.17
N LYS B 253 11.40 3.00 5.37
CA LYS B 253 12.74 2.81 4.76
C LYS B 253 12.97 1.41 4.00
N GLY C 5 -1.30 -14.59 -30.38
CA GLY C 5 -0.30 -14.30 -29.29
C GLY C 5 0.65 -13.11 -29.53
N TYR C 6 0.26 -12.18 -30.42
CA TYR C 6 1.05 -10.96 -30.64
C TYR C 6 0.88 -9.91 -29.53
N LEU C 7 -0.39 -9.52 -29.20
CA LEU C 7 -0.91 -8.63 -28.07
C LEU C 7 0.03 -7.64 -27.54
N PHE C 8 1.30 -7.97 -27.66
CA PHE C 8 2.38 -7.18 -27.04
C PHE C 8 3.11 -6.27 -28.05
N SER C 9 2.53 -6.21 -29.26
CA SER C 9 3.13 -5.44 -30.36
C SER C 9 3.04 -3.91 -30.13
N VAL C 10 4.08 -3.24 -30.58
CA VAL C 10 4.10 -1.81 -30.71
C VAL C 10 4.39 -1.39 -32.18
N ARG C 11 4.33 -2.36 -33.05
CA ARG C 11 4.55 -2.08 -34.49
C ARG C 11 3.49 -1.16 -34.99
N GLY C 12 3.89 -0.09 -35.67
CA GLY C 12 2.91 0.83 -36.23
C GLY C 12 2.61 1.99 -35.32
N ARG C 13 2.98 1.88 -34.05
CA ARG C 13 2.71 2.97 -33.12
C ARG C 13 3.75 4.03 -33.20
N VAL C 14 3.39 5.22 -32.74
CA VAL C 14 4.32 6.31 -32.54
C VAL C 14 4.56 6.52 -31.04
N ALA C 15 5.83 6.56 -30.60
CA ALA C 15 6.18 6.78 -29.19
C ALA C 15 7.02 8.02 -28.99
N CYS C 16 6.79 8.73 -27.88
CA CYS C 16 7.68 9.77 -27.45
C CYS C 16 8.31 9.34 -26.14
N VAL C 17 9.64 9.33 -26.09
CA VAL C 17 10.35 8.95 -24.87
C VAL C 17 11.23 10.10 -24.47
N THR C 18 11.02 10.62 -23.24
CA THR C 18 11.87 11.67 -22.67
C THR C 18 12.97 11.03 -21.87
N GLY C 19 14.10 11.72 -21.80
CA GLY C 19 15.28 11.07 -21.22
C GLY C 19 15.94 10.06 -22.10
N ALA C 20 15.87 10.25 -23.40
CA ALA C 20 16.19 9.14 -24.29
C ALA C 20 17.69 9.05 -24.55
N SER C 21 18.48 9.96 -24.03
CA SER C 21 19.96 9.94 -24.24
C SER C 21 20.77 9.08 -23.30
N SER C 22 20.19 8.67 -22.17
CA SER C 22 20.89 7.86 -21.24
C SER C 22 19.95 6.97 -20.44
N GLY C 23 20.57 6.06 -19.72
CA GLY C 23 19.89 5.35 -18.64
C GLY C 23 18.74 4.52 -19.14
N LEU C 24 17.71 4.45 -18.31
CA LEU C 24 16.54 3.66 -18.65
C LEU C 24 15.72 4.28 -19.77
N GLY C 25 15.75 5.59 -19.95
CA GLY C 25 15.05 6.23 -21.03
C GLY C 25 15.61 5.76 -22.41
N ARG C 26 16.92 5.72 -22.47
CA ARG C 26 17.63 5.30 -23.67
C ARG C 26 17.34 3.84 -23.99
N ARG C 27 17.41 2.98 -22.97
CA ARG C 27 16.92 1.62 -23.12
C ARG C 27 15.49 1.57 -23.62
N ALA C 28 14.56 2.31 -23.02
CA ALA C 28 13.17 2.24 -23.44
C ALA C 28 12.98 2.65 -24.94
N ALA C 29 13.63 3.75 -25.31
CA ALA C 29 13.51 4.30 -26.65
C ALA C 29 14.07 3.32 -27.68
N THR C 30 15.19 2.68 -27.33
CA THR C 30 15.75 1.64 -28.19
C THR C 30 14.86 0.38 -28.32
N VAL C 31 14.32 -0.09 -27.20
CA VAL C 31 13.45 -1.20 -27.18
C VAL C 31 12.26 -0.94 -28.08
N LEU C 32 11.66 0.25 -27.95
CA LEU C 32 10.43 0.55 -28.69
C LEU C 32 10.77 0.72 -30.20
N ALA C 33 11.92 1.32 -30.45
CA ALA C 33 12.44 1.44 -31.92
C ALA C 33 12.69 0.05 -32.52
N GLN C 34 13.36 -0.82 -31.79
CA GLN C 34 13.65 -2.16 -32.30
C GLN C 34 12.43 -3.07 -32.41
N ALA C 35 11.35 -2.77 -31.68
CA ALA C 35 10.10 -3.48 -31.73
C ALA C 35 9.16 -2.92 -32.81
N GLY C 36 9.60 -1.87 -33.53
CA GLY C 36 8.81 -1.35 -34.66
C GLY C 36 7.95 -0.15 -34.47
N ALA C 37 8.03 0.45 -33.29
CA ALA C 37 7.47 1.78 -33.14
C ALA C 37 8.32 2.87 -33.76
N GLN C 38 7.72 3.90 -34.29
CA GLN C 38 8.46 5.07 -34.66
C GLN C 38 8.67 5.91 -33.40
N VAL C 39 9.90 6.24 -33.07
CA VAL C 39 10.21 6.80 -31.74
C VAL C 39 10.81 8.17 -31.84
N VAL C 40 10.17 9.10 -31.12
CA VAL C 40 10.71 10.41 -30.89
C VAL C 40 11.40 10.44 -29.55
N GLY C 41 12.71 10.68 -29.60
CA GLY C 41 13.54 10.70 -28.43
C GLY C 41 13.85 12.12 -28.06
N VAL C 42 13.61 12.46 -26.80
CA VAL C 42 13.78 13.81 -26.25
C VAL C 42 14.82 13.88 -25.11
N ALA C 43 15.85 14.71 -25.27
CA ALA C 43 16.82 14.83 -24.25
C ALA C 43 17.61 16.13 -24.44
N ARG C 44 18.47 16.46 -23.49
CA ARG C 44 19.19 17.77 -23.52
C ARG C 44 20.17 17.87 -24.72
N ARG C 45 20.91 16.80 -24.96
CA ARG C 45 22.14 16.87 -25.81
C ARG C 45 21.94 16.29 -27.18
N ALA C 46 22.15 17.10 -28.21
CA ALA C 46 22.05 16.61 -29.55
C ALA C 46 23.03 15.48 -29.76
N ASP C 47 24.28 15.58 -29.29
CA ASP C 47 25.24 14.51 -29.66
C ASP C 47 24.93 13.19 -29.00
N ALA C 48 24.44 13.21 -27.79
CA ALA C 48 24.07 11.94 -27.16
C ALA C 48 22.80 11.39 -27.82
N LEU C 49 21.85 12.25 -28.17
CA LEU C 49 20.72 11.79 -29.01
C LEU C 49 21.13 11.18 -30.33
N ALA C 50 22.16 11.72 -30.91
CA ALA C 50 22.63 11.12 -32.17
C ALA C 50 23.28 9.72 -32.02
N GLU C 51 24.02 9.50 -30.93
CA GLU C 51 24.54 8.15 -30.64
C GLU C 51 23.41 7.16 -30.41
N TRP C 52 22.37 7.65 -29.73
CA TRP C 52 21.26 6.82 -29.44
C TRP C 52 20.69 6.30 -30.76
N GLN C 53 20.42 7.24 -31.67
CA GLN C 53 19.80 6.96 -32.97
C GLN C 53 20.65 5.92 -33.73
N ALA C 54 21.95 6.07 -33.61
CA ALA C 54 22.89 5.17 -34.28
C ALA C 54 22.80 3.75 -33.69
N GLU C 55 22.87 3.66 -32.37
CA GLU C 55 22.64 2.41 -31.60
C GLU C 55 21.29 1.74 -31.88
N ALA C 56 20.23 2.54 -31.83
CA ALA C 56 18.84 2.03 -31.88
C ALA C 56 18.52 1.26 -33.17
N GLY C 57 18.86 1.84 -34.32
CA GLY C 57 18.29 1.34 -35.54
C GLY C 57 16.83 1.71 -35.53
N GLY C 58 16.01 0.96 -36.25
CA GLY C 58 14.63 1.34 -36.49
C GLY C 58 14.41 2.76 -36.95
N GLU C 59 13.19 3.26 -36.81
CA GLU C 59 12.79 4.57 -37.27
C GLU C 59 12.65 5.55 -36.10
N THR C 60 13.47 6.54 -36.07
CA THR C 60 13.53 7.44 -34.94
C THR C 60 13.75 8.87 -35.34
N HIS C 61 13.48 9.76 -34.39
CA HIS C 61 13.74 11.18 -34.51
C HIS C 61 14.17 11.70 -33.17
N ALA C 62 15.19 12.55 -33.18
CA ALA C 62 15.78 13.15 -32.03
C ALA C 62 15.35 14.66 -31.91
N ILE C 63 14.97 15.05 -30.70
CA ILE C 63 14.69 16.42 -30.39
C ILE C 63 15.44 16.86 -29.16
N PRO C 64 16.52 17.61 -29.35
CA PRO C 64 17.21 18.21 -28.27
C PRO C 64 16.38 19.33 -27.61
N TYR C 65 16.13 19.19 -26.30
CA TYR C 65 15.33 20.10 -25.55
C TYR C 65 15.67 19.99 -24.05
N ASP C 66 15.68 21.11 -23.37
CA ASP C 66 15.97 21.16 -21.91
C ASP C 66 14.61 21.10 -21.24
N LEU C 67 14.32 19.93 -20.72
CA LEU C 67 13.01 19.73 -20.09
C LEU C 67 12.76 20.55 -18.80
N SER C 68 13.77 21.26 -18.24
CA SER C 68 13.60 22.16 -17.11
C SER C 68 12.87 23.40 -17.56
N ASP C 69 12.76 23.59 -18.88
CA ASP C 69 12.08 24.76 -19.46
C ASP C 69 10.60 24.35 -19.62
N ARG C 70 9.78 24.67 -18.63
CA ARG C 70 8.32 24.42 -18.72
C ARG C 70 7.54 25.35 -19.65
N ASP C 71 8.01 26.58 -19.73
CA ASP C 71 7.43 27.58 -20.60
C ASP C 71 7.39 27.11 -22.07
N GLY C 72 8.41 26.37 -22.51
CA GLY C 72 8.50 25.93 -23.91
C GLY C 72 7.85 24.58 -24.17
N LEU C 73 7.26 23.96 -23.16
CA LEU C 73 6.71 22.61 -23.37
C LEU C 73 5.63 22.44 -24.41
N GLU C 74 4.76 23.43 -24.51
CA GLU C 74 3.76 23.38 -25.49
C GLU C 74 4.41 23.36 -26.90
N GLY C 75 5.50 24.11 -27.08
CA GLY C 75 6.28 24.08 -28.35
C GLY C 75 6.99 22.79 -28.61
N LEU C 76 7.52 22.17 -27.54
CA LEU C 76 8.11 20.85 -27.70
C LEU C 76 7.10 19.84 -28.20
N ALA C 77 5.90 19.89 -27.62
CA ALA C 77 4.83 18.99 -28.03
C ALA C 77 4.50 19.07 -29.55
N ARG C 78 4.49 20.29 -30.08
CA ARG C 78 4.33 20.48 -31.51
C ARG C 78 5.50 19.84 -32.28
N GLN C 79 6.70 19.98 -31.77
CA GLN C 79 7.85 19.34 -32.40
C GLN C 79 7.75 17.85 -32.36
N VAL C 80 7.25 17.33 -31.24
CA VAL C 80 7.12 15.91 -31.10
C VAL C 80 6.16 15.30 -32.07
N VAL C 81 5.09 16.02 -32.43
CA VAL C 81 4.12 15.43 -33.34
C VAL C 81 4.55 15.50 -34.83
N ASP C 82 5.52 16.32 -35.12
CA ASP C 82 5.90 16.63 -36.50
C ASP C 82 6.47 15.48 -37.31
N PRO C 83 7.42 14.72 -36.74
CA PRO C 83 8.05 13.72 -37.64
C PRO C 83 7.17 12.53 -38.09
N PHE C 84 6.33 11.96 -37.21
CA PHE C 84 5.57 10.77 -37.44
C PHE C 84 4.06 10.95 -37.17
N GLY C 85 3.68 12.14 -36.73
CA GLY C 85 2.31 12.41 -36.34
C GLY C 85 2.15 12.17 -34.84
N ALA C 86 0.92 12.27 -34.37
CA ALA C 86 0.73 12.32 -32.89
C ALA C 86 1.19 10.98 -32.27
N PRO C 87 1.89 11.08 -31.12
CA PRO C 87 2.26 9.83 -30.45
C PRO C 87 1.05 9.11 -29.82
N ASP C 88 1.13 7.78 -29.86
CA ASP C 88 0.21 6.87 -29.23
C ASP C 88 0.73 6.50 -27.85
N ILE C 89 2.05 6.57 -27.68
CA ILE C 89 2.74 6.03 -26.46
C ILE C 89 3.60 7.19 -25.98
N LEU C 90 3.55 7.54 -24.69
CA LEU C 90 4.41 8.56 -24.09
C LEU C 90 5.10 7.97 -22.85
N VAL C 91 6.42 8.03 -22.79
CA VAL C 91 7.23 7.43 -21.71
C VAL C 91 8.03 8.53 -21.10
N HIS C 92 7.74 8.84 -19.83
CA HIS C 92 8.38 9.93 -19.11
C HIS C 92 9.54 9.39 -18.30
N ALA C 93 10.67 9.17 -18.97
CA ALA C 93 11.89 8.62 -18.33
C ALA C 93 12.94 9.65 -17.93
N ALA C 94 12.75 10.92 -18.25
CA ALA C 94 13.67 11.94 -17.85
C ALA C 94 13.44 12.13 -16.36
N GLY C 95 14.51 12.34 -15.64
CA GLY C 95 14.41 12.49 -14.17
C GLY C 95 15.69 12.93 -13.55
N ILE C 96 15.60 13.44 -12.34
CA ILE C 96 16.78 13.84 -11.64
C ILE C 96 16.69 13.45 -10.17
N ASN C 97 17.86 13.13 -9.53
CA ASN C 97 17.96 13.06 -8.07
C ASN C 97 19.19 13.88 -7.64
N THR C 98 18.96 15.03 -7.01
CA THR C 98 20.05 15.91 -6.61
C THR C 98 20.81 15.34 -5.40
N ARG C 99 20.23 14.34 -4.76
CA ARG C 99 20.74 13.68 -3.57
C ARG C 99 21.05 14.57 -2.39
N GLN C 100 20.34 15.67 -2.27
CA GLN C 100 20.46 16.54 -1.11
C GLN C 100 19.71 16.03 0.09
N PRO C 101 20.40 15.77 1.21
CA PRO C 101 19.69 15.39 2.41
C PRO C 101 18.86 16.56 2.91
N ALA C 102 17.80 16.26 3.66
CA ALA C 102 16.85 17.25 4.09
C ALA C 102 17.49 18.55 4.56
N ASP C 103 18.46 18.45 5.44
CA ASP C 103 19.07 19.70 6.04
C ASP C 103 19.84 20.59 5.07
N GLU C 104 20.21 20.03 3.92
CA GLU C 104 20.99 20.65 2.92
C GLU C 104 20.20 20.88 1.61
N VAL C 105 18.88 20.61 1.63
CA VAL C 105 18.11 20.88 0.43
C VAL C 105 18.09 22.40 0.18
N THR C 106 18.36 22.78 -1.05
CA THR C 106 18.27 24.14 -1.49
C THR C 106 16.93 24.37 -2.23
N PRO C 107 16.44 25.60 -2.25
CA PRO C 107 15.25 25.85 -3.07
C PRO C 107 15.41 25.39 -4.51
N GLU C 108 16.57 25.64 -5.12
CA GLU C 108 16.81 25.26 -6.50
C GLU C 108 16.79 23.72 -6.69
N GLY C 109 17.42 22.97 -5.78
CA GLY C 109 17.49 21.51 -5.86
C GLY C 109 16.08 20.91 -5.68
N TRP C 110 15.35 21.44 -4.72
CA TRP C 110 13.94 20.99 -4.56
C TRP C 110 13.11 21.26 -5.82
N ASP C 111 13.17 22.54 -6.30
CA ASP C 111 12.41 22.95 -7.49
C ASP C 111 12.70 22.15 -8.72
N ILE C 112 14.00 21.83 -8.99
CA ILE C 112 14.36 21.18 -10.22
C ILE C 112 13.85 19.75 -10.21
N THR C 113 13.83 19.18 -9.00
CA THR C 113 13.37 17.82 -8.88
C THR C 113 11.88 17.75 -9.13
N LEU C 114 11.12 18.66 -8.51
CA LEU C 114 9.63 18.66 -8.78
C LEU C 114 9.33 18.97 -10.24
N THR C 115 10.06 19.92 -10.81
CA THR C 115 9.86 20.22 -12.21
C THR C 115 10.06 19.03 -13.11
N LEU C 116 11.25 18.47 -13.08
CA LEU C 116 11.58 17.40 -14.01
C LEU C 116 10.83 16.08 -13.78
N ASN C 117 10.58 15.73 -12.52
CA ASN C 117 10.10 14.44 -12.18
C ASN C 117 8.58 14.36 -12.07
N LEU C 118 7.94 15.50 -11.87
CA LEU C 118 6.48 15.54 -11.63
C LEU C 118 5.76 16.53 -12.55
N SER C 119 6.21 17.80 -12.58
CA SER C 119 5.46 18.81 -13.39
C SER C 119 5.58 18.62 -14.86
N VAL C 120 6.79 18.35 -15.37
CA VAL C 120 7.01 18.06 -16.82
C VAL C 120 6.18 16.86 -17.30
N PRO C 121 6.16 15.72 -16.59
CA PRO C 121 5.37 14.65 -17.06
C PRO C 121 3.90 15.05 -17.13
N PHE C 122 3.43 15.79 -16.14
CA PHE C 122 1.99 16.22 -16.23
C PHE C 122 1.71 17.09 -17.49
N PHE C 123 2.47 18.16 -17.65
CA PHE C 123 2.19 19.09 -18.74
C PHE C 123 2.42 18.54 -20.10
N LEU C 124 3.52 17.77 -20.25
CA LEU C 124 3.77 17.20 -21.57
C LEU C 124 2.66 16.20 -21.90
N SER C 125 2.18 15.40 -20.92
CA SER C 125 0.99 14.56 -21.12
C SER C 125 -0.22 15.43 -21.54
N GLN C 126 -0.49 16.48 -20.76
CA GLN C 126 -1.65 17.32 -21.03
C GLN C 126 -1.67 17.80 -22.51
N TYR C 127 -0.51 18.17 -23.01
CA TYR C 127 -0.41 18.67 -24.40
C TYR C 127 -0.53 17.59 -25.42
N LEU C 128 -0.15 16.35 -25.11
CA LEU C 128 -0.14 15.26 -26.08
C LEU C 128 -1.38 14.33 -26.04
N VAL C 129 -2.15 14.33 -24.94
CA VAL C 129 -3.36 13.49 -24.85
C VAL C 129 -4.40 13.76 -25.96
N PRO C 130 -4.56 15.03 -26.48
CA PRO C 130 -5.62 15.22 -27.49
C PRO C 130 -5.54 14.28 -28.69
N GLY C 131 -4.32 14.12 -29.16
CA GLY C 131 -4.09 13.18 -30.24
C GLY C 131 -4.51 11.74 -29.97
N MET C 132 -4.28 11.31 -28.71
CA MET C 132 -4.71 9.99 -28.28
C MET C 132 -6.22 9.91 -28.17
N LYS C 133 -6.82 10.94 -27.60
CA LYS C 133 -8.25 10.98 -27.47
C LYS C 133 -8.93 10.89 -28.84
N ALA C 134 -8.48 11.66 -29.81
CA ALA C 134 -9.00 11.55 -31.18
C ALA C 134 -9.00 10.07 -31.74
N ARG C 135 -7.97 9.27 -31.43
CA ARG C 135 -7.92 7.86 -31.87
C ARG C 135 -8.57 6.87 -30.93
N GLY C 136 -8.97 7.34 -29.76
CA GLY C 136 -9.48 6.49 -28.72
C GLY C 136 -8.52 5.48 -28.13
N TRP C 137 -7.22 5.77 -28.14
CA TRP C 137 -6.21 4.84 -27.67
C TRP C 137 -4.95 5.56 -27.28
N GLY C 138 -4.43 5.26 -26.09
CA GLY C 138 -3.13 5.74 -25.74
C GLY C 138 -2.49 4.96 -24.60
N ARG C 139 -1.19 5.16 -24.41
CA ARG C 139 -0.47 4.56 -23.31
C ARG C 139 0.50 5.61 -22.78
N ILE C 140 0.40 5.87 -21.47
CA ILE C 140 1.31 6.72 -20.76
C ILE C 140 2.06 5.86 -19.72
N VAL C 141 3.38 5.95 -19.76
CA VAL C 141 4.23 5.22 -18.86
C VAL C 141 5.05 6.24 -18.08
N ASN C 142 4.75 6.33 -16.79
CA ASN C 142 5.54 7.14 -15.87
C ASN C 142 6.56 6.28 -15.21
N PHE C 143 7.56 6.92 -14.57
CA PHE C 143 8.56 6.24 -13.80
C PHE C 143 8.40 6.48 -12.32
N ALA C 144 7.99 5.45 -11.66
CA ALA C 144 7.99 5.46 -10.15
C ALA C 144 9.37 5.02 -9.66
N SER C 145 9.51 4.69 -8.39
CA SER C 145 10.81 4.35 -7.82
C SER C 145 10.56 3.54 -6.56
N LEU C 146 11.60 2.90 -6.08
CA LEU C 146 11.54 2.40 -4.72
C LEU C 146 11.26 3.55 -3.73
N GLN C 147 11.60 4.77 -4.12
CA GLN C 147 11.39 5.93 -3.25
C GLN C 147 9.99 6.53 -3.47
N THR C 148 9.11 5.90 -4.22
CA THR C 148 7.65 6.06 -4.10
C THR C 148 7.17 5.68 -2.67
N THR C 149 7.81 4.67 -2.08
CA THR C 149 7.39 4.08 -0.82
C THR C 149 8.45 4.04 0.29
N ARG C 150 9.74 4.08 -0.03
CA ARG C 150 10.80 3.87 0.94
C ARG C 150 11.84 5.02 0.82
N ALA C 151 12.10 5.67 1.95
CA ALA C 151 12.99 6.82 2.00
C ALA C 151 14.47 6.44 2.17
N PHE C 152 15.29 6.80 1.18
CA PHE C 152 16.73 6.51 1.15
C PHE C 152 17.52 7.81 1.45
N PRO C 153 18.83 7.62 1.77
CA PRO C 153 19.59 8.78 2.12
C PRO C 153 19.67 9.74 0.98
N GLY C 154 19.56 11.04 1.29
CA GLY C 154 19.58 11.99 0.17
C GLY C 154 18.40 12.09 -0.71
N GLY C 155 17.32 11.43 -0.31
CA GLY C 155 16.23 11.23 -1.19
C GLY C 155 15.02 12.16 -1.04
N ILE C 156 15.00 13.13 -0.10
CA ILE C 156 13.73 13.70 0.26
C ILE C 156 12.96 14.41 -0.85
N ALA C 157 13.57 15.23 -1.68
CA ALA C 157 12.89 15.81 -2.80
C ALA C 157 12.49 14.78 -3.85
N TYR C 158 13.40 13.80 -4.10
CA TYR C 158 13.19 12.75 -5.04
C TYR C 158 11.98 11.95 -4.64
N GLY C 159 11.96 11.56 -3.34
CA GLY C 159 10.87 10.78 -2.81
C GLY C 159 9.60 11.56 -2.88
N ALA C 160 9.62 12.84 -2.52
CA ALA C 160 8.39 13.70 -2.66
C ALA C 160 7.85 13.63 -4.10
N SER C 161 8.76 13.77 -5.03
CA SER C 161 8.40 13.76 -6.40
C SER C 161 7.82 12.42 -6.84
N LYS C 162 8.43 11.34 -6.38
CA LYS C 162 8.04 9.98 -6.82
C LYS C 162 6.77 9.43 -6.10
N GLY C 163 6.51 9.83 -4.85
CA GLY C 163 5.24 9.61 -4.32
C GLY C 163 4.17 10.40 -5.04
N GLY C 164 4.51 11.62 -5.47
CA GLY C 164 3.70 12.40 -6.34
C GLY C 164 3.40 11.67 -7.67
N VAL C 165 4.42 11.11 -8.27
CA VAL C 165 4.24 10.41 -9.53
C VAL C 165 3.17 9.33 -9.42
N ALA C 166 3.25 8.51 -8.37
CA ALA C 166 2.36 7.38 -8.31
C ALA C 166 0.87 7.92 -8.22
N GLN C 167 0.60 8.91 -7.33
CA GLN C 167 -0.77 9.46 -7.25
C GLN C 167 -1.15 10.11 -8.57
N MET C 168 -0.20 10.82 -9.17
CA MET C 168 -0.44 11.51 -10.45
C MET C 168 -0.88 10.44 -11.51
N THR C 169 -0.27 9.25 -11.46
CA THR C 169 -0.53 8.23 -12.45
C THR C 169 -1.99 7.75 -12.22
N ARG C 170 -2.38 7.53 -10.94
CA ARG C 170 -3.78 7.17 -10.63
C ARG C 170 -4.74 8.26 -11.16
N ALA C 171 -4.38 9.49 -10.96
CA ALA C 171 -5.23 10.67 -11.37
C ALA C 171 -5.21 10.78 -12.86
N MET C 172 -4.11 10.42 -13.54
CA MET C 172 -4.11 10.43 -15.02
C MET C 172 -5.13 9.38 -15.55
N ALA C 173 -5.13 8.20 -14.92
CA ALA C 173 -6.08 7.16 -15.30
C ALA C 173 -7.51 7.65 -15.08
N GLU C 174 -7.78 8.29 -13.95
CA GLU C 174 -9.12 8.71 -13.63
C GLU C 174 -9.63 9.75 -14.69
N ALA C 175 -8.72 10.62 -15.15
CA ALA C 175 -9.12 11.65 -16.09
C ALA C 175 -9.26 11.09 -17.49
N TRP C 176 -8.31 10.23 -17.90
CA TRP C 176 -8.09 9.90 -19.32
C TRP C 176 -8.48 8.50 -19.71
N SER C 177 -8.52 7.56 -18.75
CA SER C 177 -8.83 6.20 -19.13
C SER C 177 -10.30 5.97 -19.61
N PRO C 178 -11.19 6.90 -19.37
CA PRO C 178 -12.49 6.70 -20.08
C PRO C 178 -12.42 6.93 -21.60
N HIS C 179 -11.31 7.48 -22.06
CA HIS C 179 -11.12 7.88 -23.47
C HIS C 179 -10.12 6.95 -24.18
N GLY C 180 -9.80 5.85 -23.54
CA GLY C 180 -8.95 4.85 -24.18
C GLY C 180 -7.46 4.97 -23.86
N ILE C 181 -7.13 5.89 -22.98
CA ILE C 181 -5.76 6.12 -22.64
C ILE C 181 -5.48 5.49 -21.30
N THR C 182 -4.54 4.57 -21.22
CA THR C 182 -4.18 4.03 -19.93
C THR C 182 -2.97 4.78 -19.40
N ALA C 183 -2.80 4.81 -18.06
CA ALA C 183 -1.61 5.50 -17.50
C ALA C 183 -1.13 4.58 -16.35
N ASN C 184 0.13 4.16 -16.40
CA ASN C 184 0.73 3.34 -15.38
C ASN C 184 2.16 3.82 -15.15
N ALA C 185 2.74 3.35 -14.07
CA ALA C 185 4.13 3.69 -13.76
C ALA C 185 4.95 2.46 -13.63
N LEU C 186 6.09 2.40 -14.30
CA LEU C 186 7.08 1.40 -14.06
C LEU C 186 7.90 1.85 -12.87
N GLY C 187 8.14 0.92 -11.95
CA GLY C 187 8.94 1.19 -10.79
C GLY C 187 10.20 0.34 -10.81
N PRO C 188 11.24 0.82 -11.53
CA PRO C 188 12.55 0.12 -11.44
C PRO C 188 13.12 0.09 -10.04
N GLY C 189 13.76 -0.99 -9.66
CA GLY C 189 14.62 -1.05 -8.48
C GLY C 189 15.93 -0.40 -8.85
N PHE C 190 17.02 -1.07 -8.49
CA PHE C 190 18.32 -0.47 -8.77
C PHE C 190 18.98 -1.05 -10.00
N PHE C 191 19.10 -0.16 -10.98
CA PHE C 191 19.72 -0.50 -12.30
C PHE C 191 20.90 0.49 -12.42
N ARG C 192 21.93 0.04 -13.12
CA ARG C 192 23.14 0.84 -13.39
C ARG C 192 22.87 2.03 -14.34
N THR C 193 22.68 3.24 -13.76
CA THR C 193 22.43 4.47 -14.56
C THR C 193 23.06 5.74 -13.93
N GLU C 194 22.84 6.88 -14.59
CA GLU C 194 23.28 8.18 -14.09
C GLU C 194 22.78 8.47 -12.64
N LEU C 195 21.53 8.11 -12.37
CA LEU C 195 20.84 8.46 -11.11
C LEU C 195 21.45 7.74 -9.86
N THR C 196 22.05 6.59 -10.13
CA THR C 196 22.35 5.61 -9.12
C THR C 196 23.85 5.43 -8.93
N ALA C 197 24.66 6.22 -9.64
CA ALA C 197 26.11 6.11 -9.51
C ALA C 197 26.64 5.90 -8.08
N PRO C 198 26.18 6.62 -7.02
CA PRO C 198 26.74 6.24 -5.68
C PRO C 198 26.35 4.86 -5.14
N VAL C 199 25.15 4.39 -5.48
CA VAL C 199 24.70 3.05 -5.06
C VAL C 199 25.61 2.04 -5.75
N PHE C 200 26.04 2.31 -6.99
CA PHE C 200 26.85 1.30 -7.70
C PHE C 200 28.37 1.46 -7.51
N ALA C 201 28.77 2.72 -7.34
CA ALA C 201 30.21 3.06 -7.26
C ALA C 201 30.91 2.30 -6.07
N ASP C 202 30.22 2.24 -4.94
CA ASP C 202 30.65 1.48 -3.78
C ASP C 202 30.13 0.02 -3.89
N PRO C 203 31.02 -0.95 -4.18
CA PRO C 203 30.60 -2.32 -4.39
C PRO C 203 29.91 -2.94 -3.20
N GLU C 204 30.25 -2.50 -2.01
CA GLU C 204 29.60 -3.05 -0.81
C GLU C 204 28.12 -2.60 -0.76
N ARG C 205 27.89 -1.32 -1.13
CA ARG C 205 26.56 -0.81 -1.24
C ARG C 205 25.74 -1.53 -2.33
N ALA C 206 26.36 -1.69 -3.48
CA ALA C 206 25.75 -2.39 -4.63
C ALA C 206 25.32 -3.79 -4.16
N ALA C 207 26.23 -4.45 -3.39
CA ALA C 207 25.94 -5.84 -2.99
C ALA C 207 24.85 -5.87 -1.96
N ARG C 208 24.80 -4.91 -1.02
CA ARG C 208 23.72 -4.88 -0.06
C ARG C 208 22.38 -4.70 -0.75
N ASN C 209 22.34 -3.77 -1.73
CA ASN C 209 21.10 -3.59 -2.42
C ASN C 209 20.70 -4.81 -3.23
N ALA C 210 21.64 -5.50 -3.86
CA ALA C 210 21.31 -6.77 -4.54
C ALA C 210 20.73 -7.78 -3.58
N ALA C 211 21.30 -7.87 -2.38
CA ALA C 211 20.86 -8.84 -1.38
C ALA C 211 19.50 -8.48 -0.80
N GLN C 212 19.12 -7.20 -0.87
CA GLN C 212 17.77 -6.79 -0.46
C GLN C 212 16.67 -7.32 -1.40
N THR C 213 16.98 -7.66 -2.66
CA THR C 213 15.97 -8.18 -3.52
C THR C 213 15.75 -9.68 -3.23
N CYS C 214 14.61 -10.23 -3.72
CA CYS C 214 14.35 -11.65 -3.59
C CYS C 214 15.24 -12.51 -4.49
N ILE C 215 15.53 -12.00 -5.68
CA ILE C 215 16.34 -12.75 -6.64
C ILE C 215 17.81 -12.74 -6.21
N GLY C 216 18.28 -11.66 -5.56
CA GLY C 216 19.64 -11.53 -5.23
C GLY C 216 20.56 -10.84 -6.20
N ARG C 217 20.02 -10.01 -7.13
CA ARG C 217 20.82 -9.26 -8.04
C ARG C 217 20.18 -7.95 -8.31
N ASN C 218 20.99 -6.95 -8.67
CA ASN C 218 20.49 -5.72 -9.24
C ASN C 218 20.00 -5.85 -10.66
N GLY C 219 19.35 -4.82 -11.15
CA GLY C 219 18.82 -4.88 -12.46
C GLY C 219 19.85 -4.69 -13.58
N GLU C 220 19.51 -5.30 -14.70
CA GLU C 220 20.20 -5.13 -16.00
C GLU C 220 19.29 -4.48 -16.95
N PRO C 221 19.83 -3.75 -17.91
CA PRO C 221 18.99 -3.10 -18.85
C PRO C 221 17.85 -3.90 -19.49
N GLU C 222 18.10 -5.16 -19.92
CA GLU C 222 17.13 -5.96 -20.58
C GLU C 222 15.93 -6.30 -19.69
N ASP C 223 16.07 -6.14 -18.37
CA ASP C 223 14.97 -6.51 -17.44
C ASP C 223 13.77 -5.53 -17.57
N LEU C 224 14.01 -4.39 -18.18
CA LEU C 224 12.96 -3.42 -18.39
C LEU C 224 12.18 -3.62 -19.67
N ASP C 225 12.71 -4.40 -20.62
CA ASP C 225 12.07 -4.53 -21.89
C ASP C 225 10.66 -5.08 -21.86
N GLY C 226 10.46 -6.21 -21.19
CA GLY C 226 9.19 -6.92 -21.15
C GLY C 226 8.15 -6.07 -20.45
N PRO C 227 8.50 -5.59 -19.24
CA PRO C 227 7.48 -4.79 -18.54
C PRO C 227 7.08 -3.50 -19.29
N LEU C 228 8.04 -2.87 -19.91
CA LEU C 228 7.76 -1.75 -20.84
C LEU C 228 6.84 -2.07 -21.97
N LEU C 229 7.15 -3.13 -22.72
CA LEU C 229 6.30 -3.44 -23.85
C LEU C 229 4.90 -3.85 -23.42
N PHE C 230 4.78 -4.53 -22.28
CA PHE C 230 3.50 -4.89 -21.72
C PHE C 230 2.67 -3.62 -21.50
N LEU C 231 3.27 -2.60 -20.85
CA LEU C 231 2.58 -1.33 -20.54
C LEU C 231 2.31 -0.41 -21.72
N CYS C 232 2.90 -0.74 -22.85
CA CYS C 232 2.82 0.08 -24.09
C CYS C 232 2.01 -0.62 -25.16
N SER C 233 1.32 -1.67 -24.84
CA SER C 233 0.57 -2.49 -25.81
C SER C 233 -0.83 -2.87 -25.49
N GLN C 234 -1.47 -3.57 -26.41
CA GLN C 234 -2.83 -4.03 -26.20
C GLN C 234 -2.98 -4.95 -25.00
N ALA C 235 -1.90 -5.64 -24.66
CA ALA C 235 -1.89 -6.60 -23.57
C ALA C 235 -2.35 -5.99 -22.28
N SER C 236 -2.07 -4.72 -22.09
CA SER C 236 -2.43 -4.04 -20.80
C SER C 236 -3.64 -3.14 -20.88
N ALA C 237 -4.51 -3.36 -21.81
CA ALA C 237 -5.71 -2.50 -21.99
C ALA C 237 -6.56 -2.35 -20.72
N TYR C 238 -6.63 -3.39 -19.89
CA TYR C 238 -7.45 -3.32 -18.67
C TYR C 238 -6.61 -3.09 -17.40
N VAL C 239 -5.41 -2.62 -17.59
CA VAL C 239 -4.44 -2.27 -16.51
C VAL C 239 -4.24 -0.76 -16.61
N THR C 240 -4.70 -0.05 -15.61
CA THR C 240 -4.55 1.38 -15.63
C THR C 240 -4.55 1.87 -14.18
N GLY C 241 -3.79 2.92 -13.97
CA GLY C 241 -3.55 3.50 -12.65
C GLY C 241 -2.68 2.72 -11.72
N GLN C 242 -1.82 1.89 -12.24
CA GLN C 242 -1.02 0.94 -11.50
C GLN C 242 0.47 1.37 -11.48
N VAL C 243 1.13 0.97 -10.37
CA VAL C 243 2.61 0.99 -10.29
C VAL C 243 3.10 -0.45 -10.38
N LEU C 244 3.89 -0.76 -11.39
CA LEU C 244 4.42 -2.06 -11.62
C LEU C 244 5.91 -2.05 -11.30
N MET C 245 6.26 -2.58 -10.12
CA MET C 245 7.63 -2.65 -9.64
C MET C 245 8.41 -3.68 -10.40
N VAL C 246 9.59 -3.28 -10.88
CA VAL C 246 10.51 -4.15 -11.65
C VAL C 246 11.81 -4.07 -10.87
N ASP C 247 11.83 -4.81 -9.72
CA ASP C 247 12.79 -4.64 -8.68
C ASP C 247 13.35 -5.89 -8.11
N GLY C 248 13.13 -7.03 -8.80
CA GLY C 248 13.55 -8.31 -8.29
C GLY C 248 13.06 -8.70 -6.96
N GLY C 249 11.95 -8.08 -6.57
CA GLY C 249 11.37 -8.36 -5.26
C GLY C 249 11.91 -7.54 -4.12
N TYR C 250 12.62 -6.46 -4.40
CA TYR C 250 13.06 -5.54 -3.33
C TYR C 250 11.92 -5.16 -2.40
N THR C 251 10.79 -4.80 -2.99
CA THR C 251 9.65 -4.34 -2.24
C THR C 251 8.85 -5.47 -1.57
N ALA C 252 9.22 -6.76 -1.76
CA ALA C 252 8.56 -7.87 -1.10
C ALA C 252 9.24 -8.19 0.26
N LYS C 253 10.40 -7.55 0.57
CA LYS C 253 11.24 -7.82 1.74
C LYS C 253 11.48 -6.52 2.68
N MET D 1 6.27 -10.49 -35.87
CA MET D 1 6.58 -10.18 -34.45
C MET D 1 8.01 -9.70 -34.36
N ALA D 2 8.26 -8.63 -33.62
CA ALA D 2 9.68 -8.24 -33.21
C ALA D 2 10.30 -9.35 -32.39
N ASP D 3 11.63 -9.41 -32.42
CA ASP D 3 12.37 -10.32 -31.60
C ASP D 3 11.91 -10.18 -30.15
N SER D 4 11.67 -8.95 -29.68
CA SER D 4 11.25 -8.80 -28.24
C SER D 4 9.88 -9.40 -27.97
N GLY D 5 9.08 -9.66 -29.00
CA GLY D 5 7.79 -10.28 -28.77
C GLY D 5 7.95 -11.68 -28.21
N TYR D 6 9.10 -12.29 -28.49
CA TYR D 6 9.38 -13.68 -28.07
C TYR D 6 9.69 -13.73 -26.53
N LEU D 7 9.93 -12.58 -25.95
CA LEU D 7 10.05 -12.47 -24.50
C LEU D 7 8.79 -13.04 -23.82
N PHE D 8 7.65 -12.96 -24.49
CA PHE D 8 6.31 -13.30 -23.84
C PHE D 8 5.88 -14.75 -24.16
N SER D 9 6.82 -15.51 -24.82
CA SER D 9 6.51 -16.88 -25.24
C SER D 9 6.29 -17.83 -24.10
N VAL D 10 5.30 -18.70 -24.26
CA VAL D 10 5.17 -19.86 -23.40
C VAL D 10 5.28 -21.16 -24.19
N ARG D 11 5.65 -21.05 -25.46
CA ARG D 11 5.87 -22.21 -26.29
C ARG D 11 6.91 -23.15 -25.71
N GLY D 12 6.50 -24.42 -25.63
CA GLY D 12 7.37 -25.48 -25.10
C GLY D 12 7.45 -25.51 -23.59
N ARG D 13 6.73 -24.62 -22.93
CA ARG D 13 6.68 -24.75 -21.47
C ARG D 13 5.58 -25.71 -21.05
N VAL D 14 5.65 -26.18 -19.80
CA VAL D 14 4.62 -26.99 -19.22
C VAL D 14 3.94 -26.12 -18.17
N ALA D 15 2.61 -26.00 -18.20
CA ALA D 15 1.82 -25.34 -17.13
C ALA D 15 0.83 -26.21 -16.47
N CYS D 16 0.60 -25.94 -15.17
CA CYS D 16 -0.46 -26.52 -14.47
C CYS D 16 -1.35 -25.34 -14.05
N VAL D 17 -2.64 -25.46 -14.33
CA VAL D 17 -3.65 -24.51 -13.94
C VAL D 17 -4.76 -25.16 -13.16
N THR D 18 -4.96 -24.67 -11.93
CA THR D 18 -6.05 -25.16 -11.11
C THR D 18 -7.27 -24.30 -11.30
N GLY D 19 -8.41 -24.91 -11.10
CA GLY D 19 -9.64 -24.21 -11.45
C GLY D 19 -9.91 -24.08 -12.94
N ALA D 20 -9.49 -25.10 -13.67
CA ALA D 20 -9.44 -24.97 -15.11
C ALA D 20 -10.79 -25.27 -15.78
N SER D 21 -11.77 -25.74 -15.05
CA SER D 21 -13.10 -26.05 -15.68
C SER D 21 -13.99 -24.82 -15.83
N SER D 22 -13.70 -23.68 -15.14
CA SER D 22 -14.60 -22.52 -15.30
C SER D 22 -13.88 -21.23 -15.06
N GLY D 23 -14.57 -20.16 -15.38
CA GLY D 23 -14.13 -18.83 -14.97
C GLY D 23 -12.75 -18.46 -15.51
N LEU D 24 -12.02 -17.77 -14.64
CA LEU D 24 -10.74 -17.25 -15.06
C LEU D 24 -9.69 -18.31 -15.21
N GLY D 25 -9.78 -19.37 -14.41
CA GLY D 25 -8.88 -20.45 -14.57
C GLY D 25 -9.02 -21.10 -15.96
N ARG D 26 -10.25 -21.32 -16.39
CA ARG D 26 -10.50 -21.87 -17.71
C ARG D 26 -9.97 -20.99 -18.85
N ARG D 27 -10.13 -19.67 -18.73
CA ARG D 27 -9.57 -18.73 -19.68
C ARG D 27 -8.05 -18.85 -19.60
N ALA D 28 -7.46 -18.93 -18.39
CA ALA D 28 -5.98 -18.92 -18.31
C ALA D 28 -5.41 -20.22 -18.98
N ALA D 29 -6.08 -21.34 -18.72
CA ALA D 29 -5.65 -22.64 -19.20
C ALA D 29 -5.71 -22.67 -20.76
N THR D 30 -6.81 -22.14 -21.30
CA THR D 30 -6.99 -22.02 -22.74
C THR D 30 -5.99 -21.07 -23.39
N VAL D 31 -5.76 -19.90 -22.78
CA VAL D 31 -4.76 -18.97 -23.31
C VAL D 31 -3.40 -19.62 -23.37
N LEU D 32 -3.03 -20.33 -22.32
CA LEU D 32 -1.72 -20.90 -22.29
C LEU D 32 -1.63 -22.03 -23.36
N ALA D 33 -2.68 -22.81 -23.48
CA ALA D 33 -2.63 -23.91 -24.46
C ALA D 33 -2.63 -23.33 -25.85
N GLN D 34 -3.46 -22.32 -26.10
CA GLN D 34 -3.41 -21.68 -27.45
C GLN D 34 -2.10 -20.99 -27.79
N ALA D 35 -1.32 -20.61 -26.77
CA ALA D 35 -0.03 -19.96 -26.95
C ALA D 35 1.10 -20.95 -27.01
N GLY D 36 0.76 -22.25 -26.95
CA GLY D 36 1.69 -23.30 -27.18
C GLY D 36 2.31 -23.97 -25.99
N ALA D 37 1.87 -23.64 -24.80
CA ALA D 37 2.26 -24.47 -23.67
C ALA D 37 1.54 -25.77 -23.56
N GLN D 38 2.18 -26.79 -23.00
CA GLN D 38 1.47 -28.00 -22.72
C GLN D 38 0.80 -27.82 -21.38
N VAL D 39 -0.50 -28.03 -21.31
CA VAL D 39 -1.25 -27.55 -20.07
C VAL D 39 -1.96 -28.65 -19.38
N VAL D 40 -1.69 -28.76 -18.07
CA VAL D 40 -2.38 -29.67 -17.23
C VAL D 40 -3.46 -28.86 -16.47
N GLY D 41 -4.73 -29.23 -16.69
CA GLY D 41 -5.86 -28.54 -16.09
C GLY D 41 -6.39 -29.39 -14.98
N VAL D 42 -6.57 -28.76 -13.82
CA VAL D 42 -7.09 -29.43 -12.62
C VAL D 42 -8.39 -28.79 -12.14
N ALA D 43 -9.42 -29.63 -11.96
CA ALA D 43 -10.69 -29.15 -11.56
C ALA D 43 -11.49 -30.32 -11.03
N ARG D 44 -12.64 -30.07 -10.45
CA ARG D 44 -13.38 -31.15 -9.71
C ARG D 44 -13.98 -32.22 -10.69
N ARG D 45 -14.57 -31.70 -11.74
CA ARG D 45 -15.46 -32.43 -12.71
C ARG D 45 -14.78 -32.91 -13.97
N ALA D 46 -14.81 -34.21 -14.19
CA ALA D 46 -14.30 -34.76 -15.43
C ALA D 46 -15.03 -34.17 -16.60
N ASP D 47 -16.36 -33.98 -16.54
CA ASP D 47 -17.04 -33.51 -17.76
C ASP D 47 -16.74 -32.09 -18.12
N ALA D 48 -16.65 -31.23 -17.13
CA ALA D 48 -16.31 -29.83 -17.43
C ALA D 48 -14.88 -29.72 -17.94
N LEU D 49 -13.97 -30.49 -17.35
CA LEU D 49 -12.63 -30.59 -17.88
C LEU D 49 -12.57 -31.04 -19.34
N ALA D 50 -13.43 -31.97 -19.71
CA ALA D 50 -13.48 -32.43 -21.14
C ALA D 50 -13.96 -31.33 -22.11
N GLU D 51 -14.94 -30.55 -21.70
CA GLU D 51 -15.39 -29.39 -22.45
C GLU D 51 -14.24 -28.40 -22.60
N TRP D 52 -13.46 -28.25 -21.53
CA TRP D 52 -12.33 -27.31 -21.59
C TRP D 52 -11.32 -27.76 -22.68
N GLN D 53 -10.96 -29.06 -22.66
CA GLN D 53 -9.99 -29.62 -23.57
C GLN D 53 -10.48 -29.44 -25.00
N ALA D 54 -11.77 -29.54 -25.16
CA ALA D 54 -12.38 -29.36 -26.49
C ALA D 54 -12.22 -27.92 -26.99
N GLU D 55 -12.52 -26.96 -26.13
CA GLU D 55 -12.36 -25.52 -26.44
C GLU D 55 -10.93 -25.10 -26.68
N ALA D 56 -10.05 -25.61 -25.84
CA ALA D 56 -8.64 -25.22 -25.78
C ALA D 56 -7.90 -25.51 -27.06
N GLY D 57 -8.08 -26.70 -27.60
CA GLY D 57 -7.14 -27.14 -28.62
C GLY D 57 -5.76 -27.33 -28.01
N GLY D 58 -4.72 -27.19 -28.84
CA GLY D 58 -3.35 -27.40 -28.42
C GLY D 58 -3.09 -28.74 -27.74
N GLU D 59 -2.16 -28.77 -26.80
CA GLU D 59 -1.78 -30.00 -26.12
C GLU D 59 -2.11 -29.83 -24.63
N THR D 60 -3.08 -30.58 -24.18
CA THR D 60 -3.57 -30.49 -22.80
C THR D 60 -3.80 -31.85 -22.20
N HIS D 61 -3.94 -31.85 -20.86
CA HIS D 61 -4.28 -33.01 -20.08
C HIS D 61 -5.14 -32.57 -18.93
N ALA D 62 -6.16 -33.35 -18.65
CA ALA D 62 -7.11 -33.07 -17.60
C ALA D 62 -6.90 -33.99 -16.40
N ILE D 63 -7.00 -33.42 -15.19
CA ILE D 63 -6.99 -34.16 -13.96
C ILE D 63 -8.13 -33.79 -13.08
N PRO D 64 -9.16 -34.64 -13.00
CA PRO D 64 -10.20 -34.40 -12.04
C PRO D 64 -9.74 -34.67 -10.60
N TYR D 65 -9.86 -33.65 -9.73
CA TYR D 65 -9.44 -33.69 -8.38
C TYR D 65 -10.17 -32.65 -7.58
N ASP D 66 -10.52 -32.99 -6.36
CA ASP D 66 -11.24 -32.10 -5.43
C ASP D 66 -10.15 -31.47 -4.54
N LEU D 67 -9.91 -30.25 -4.89
CA LEU D 67 -8.82 -29.48 -4.26
C LEU D 67 -9.08 -29.18 -2.78
N SER D 68 -10.31 -29.39 -2.31
CA SER D 68 -10.57 -29.35 -0.84
C SER D 68 -9.85 -30.48 -0.10
N ASP D 69 -9.35 -31.48 -0.84
CA ASP D 69 -8.62 -32.62 -0.27
C ASP D 69 -7.12 -32.28 -0.17
N ARG D 70 -6.71 -31.73 0.95
CA ARG D 70 -5.28 -31.43 1.17
C ARG D 70 -4.41 -32.66 1.42
N ASP D 71 -4.99 -33.64 2.11
CA ASP D 71 -4.39 -34.95 2.28
C ASP D 71 -3.79 -35.50 0.99
N GLY D 72 -4.50 -35.35 -0.14
CA GLY D 72 -4.10 -36.02 -1.37
C GLY D 72 -3.28 -35.19 -2.32
N LEU D 73 -2.92 -33.99 -1.88
CA LEU D 73 -2.24 -33.06 -2.76
C LEU D 73 -0.87 -33.51 -3.28
N GLU D 74 -0.13 -34.20 -2.43
CA GLU D 74 1.12 -34.72 -2.86
C GLU D 74 0.91 -35.71 -4.00
N GLY D 75 -0.16 -36.54 -3.95
CA GLY D 75 -0.48 -37.45 -5.07
C GLY D 75 -1.00 -36.73 -6.30
N LEU D 76 -1.71 -35.64 -6.08
CA LEU D 76 -2.05 -34.74 -7.23
C LEU D 76 -0.79 -34.28 -7.98
N ALA D 77 0.17 -33.79 -7.23
CA ALA D 77 1.40 -33.30 -7.77
C ALA D 77 2.11 -34.34 -8.62
N ARG D 78 2.18 -35.58 -8.14
CA ARG D 78 2.67 -36.72 -8.98
C ARG D 78 1.88 -36.89 -10.27
N GLN D 79 0.57 -36.78 -10.20
CA GLN D 79 -0.27 -36.87 -11.40
C GLN D 79 -0.01 -35.74 -12.34
N VAL D 80 0.21 -34.51 -11.80
CA VAL D 80 0.45 -33.36 -12.62
C VAL D 80 1.70 -33.49 -13.46
N VAL D 81 2.73 -34.12 -12.89
CA VAL D 81 4.04 -34.20 -13.57
C VAL D 81 4.00 -35.29 -14.67
N ASP D 82 3.02 -36.15 -14.62
CA ASP D 82 3.04 -37.39 -15.46
C ASP D 82 2.87 -37.16 -16.98
N PRO D 83 1.90 -36.33 -17.39
CA PRO D 83 1.73 -36.27 -18.85
C PRO D 83 2.88 -35.61 -19.62
N PHE D 84 3.45 -34.49 -19.11
CA PHE D 84 4.40 -33.68 -19.88
C PHE D 84 5.75 -33.47 -19.19
N GLY D 85 5.90 -34.04 -18.01
CA GLY D 85 7.03 -33.70 -17.19
C GLY D 85 6.69 -32.57 -16.23
N ALA D 86 7.72 -32.17 -15.49
CA ALA D 86 7.50 -31.17 -14.42
C ALA D 86 7.00 -29.85 -14.99
N PRO D 87 6.00 -29.25 -14.34
CA PRO D 87 5.58 -27.94 -14.88
C PRO D 87 6.58 -26.81 -14.57
N ASP D 88 6.75 -25.91 -15.56
CA ASP D 88 7.49 -24.72 -15.44
C ASP D 88 6.63 -23.55 -14.90
N ILE D 89 5.31 -23.63 -15.07
CA ILE D 89 4.38 -22.52 -14.79
C ILE D 89 3.27 -23.12 -13.95
N LEU D 90 2.96 -22.51 -12.81
CA LEU D 90 1.87 -22.94 -11.99
C LEU D 90 0.91 -21.77 -11.74
N VAL D 91 -0.38 -21.98 -12.04
CA VAL D 91 -1.40 -20.95 -11.93
C VAL D 91 -2.49 -21.39 -11.01
N HIS D 92 -2.62 -20.72 -9.86
CA HIS D 92 -3.56 -21.13 -8.83
C HIS D 92 -4.87 -20.34 -8.95
N ALA D 93 -5.73 -20.77 -9.88
CA ALA D 93 -6.98 -20.03 -10.20
C ALA D 93 -8.17 -20.63 -9.49
N ALA D 94 -8.05 -21.77 -8.81
CA ALA D 94 -9.16 -22.39 -8.10
C ALA D 94 -9.43 -21.49 -6.91
N GLY D 95 -10.69 -21.23 -6.64
CA GLY D 95 -11.01 -20.47 -5.43
C GLY D 95 -12.50 -20.45 -5.13
N ILE D 96 -12.85 -19.98 -3.93
CA ILE D 96 -14.20 -19.93 -3.50
C ILE D 96 -14.48 -18.64 -2.76
N ASN D 97 -15.73 -18.14 -2.85
CA ASN D 97 -16.24 -17.15 -1.96
C ASN D 97 -17.61 -17.59 -1.49
N THR D 98 -17.70 -17.95 -0.20
CA THR D 98 -18.91 -18.41 0.39
C THR D 98 -19.95 -17.28 0.61
N ARG D 99 -19.49 -16.04 0.52
CA ARG D 99 -20.30 -14.81 0.69
C ARG D 99 -20.99 -14.74 2.01
N GLN D 100 -20.41 -15.40 3.01
CA GLN D 100 -21.03 -15.25 4.36
C GLN D 100 -20.60 -14.00 5.10
N PRO D 101 -21.53 -13.13 5.48
CA PRO D 101 -21.17 -11.94 6.20
C PRO D 101 -20.63 -12.38 7.57
N ALA D 102 -19.86 -11.51 8.24
CA ALA D 102 -19.21 -11.84 9.50
C ALA D 102 -20.12 -12.54 10.49
N ASP D 103 -21.30 -12.02 10.72
CA ASP D 103 -22.16 -12.63 11.78
C ASP D 103 -22.71 -14.01 11.42
N GLU D 104 -22.66 -14.34 10.16
CA GLU D 104 -23.19 -15.57 9.66
C GLU D 104 -22.10 -16.51 9.20
N VAL D 105 -20.84 -16.18 9.46
CA VAL D 105 -19.77 -17.11 9.07
C VAL D 105 -19.84 -18.41 9.86
N THR D 106 -19.78 -19.54 9.19
CA THR D 106 -19.70 -20.85 9.87
C THR D 106 -18.26 -21.33 9.90
N PRO D 107 -17.93 -22.23 10.82
CA PRO D 107 -16.57 -22.81 10.83
C PRO D 107 -16.26 -23.45 9.49
N GLU D 108 -17.23 -24.15 8.90
CA GLU D 108 -17.02 -24.83 7.64
C GLU D 108 -16.76 -23.82 6.48
N GLY D 109 -17.57 -22.77 6.41
CA GLY D 109 -17.40 -21.80 5.32
C GLY D 109 -16.06 -21.01 5.48
N TRP D 110 -15.66 -20.72 6.71
CA TRP D 110 -14.33 -20.07 6.95
C TRP D 110 -13.26 -21.02 6.51
N ASP D 111 -13.33 -22.26 7.00
CA ASP D 111 -12.33 -23.24 6.70
C ASP D 111 -12.12 -23.56 5.22
N ILE D 112 -13.22 -23.66 4.44
CA ILE D 112 -13.09 -24.09 3.06
C ILE D 112 -12.49 -22.95 2.25
N THR D 113 -12.72 -21.73 2.73
CA THR D 113 -12.19 -20.56 2.03
C THR D 113 -10.69 -20.49 2.24
N LEU D 114 -10.22 -20.75 3.47
CA LEU D 114 -8.74 -20.72 3.71
C LEU D 114 -8.05 -21.90 3.06
N THR D 115 -8.70 -23.01 3.04
CA THR D 115 -8.15 -24.21 2.38
C THR D 115 -7.95 -23.99 0.91
N LEU D 116 -9.03 -23.65 0.19
CA LEU D 116 -8.94 -23.55 -1.26
C LEU D 116 -8.16 -22.32 -1.73
N ASN D 117 -8.30 -21.20 -1.00
CA ASN D 117 -7.73 -19.97 -1.51
C ASN D 117 -6.32 -19.69 -1.06
N LEU D 118 -5.88 -20.33 0.01
CA LEU D 118 -4.58 -19.99 0.65
C LEU D 118 -3.73 -21.27 0.86
N SER D 119 -4.26 -22.31 1.52
CA SER D 119 -3.44 -23.46 1.93
C SER D 119 -3.12 -24.32 0.74
N VAL D 120 -4.10 -24.55 -0.10
CA VAL D 120 -3.85 -25.40 -1.34
C VAL D 120 -2.78 -24.74 -2.24
N PRO D 121 -2.82 -23.41 -2.55
CA PRO D 121 -1.82 -22.77 -3.35
C PRO D 121 -0.45 -23.00 -2.73
N PHE D 122 -0.38 -22.83 -1.41
CA PHE D 122 0.92 -23.02 -0.75
C PHE D 122 1.47 -24.47 -0.95
N PHE D 123 0.67 -25.47 -0.61
CA PHE D 123 1.15 -26.87 -0.61
C PHE D 123 1.37 -27.41 -1.97
N LEU D 124 0.47 -27.06 -2.93
CA LEU D 124 0.72 -27.50 -4.27
C LEU D 124 2.01 -26.86 -4.79
N SER D 125 2.25 -25.58 -4.56
CA SER D 125 3.51 -24.98 -4.95
C SER D 125 4.71 -25.69 -4.28
N GLN D 126 4.60 -25.98 -2.98
CA GLN D 126 5.67 -26.66 -2.26
C GLN D 126 6.04 -27.98 -2.94
N TYR D 127 5.05 -28.74 -3.39
CA TYR D 127 5.29 -30.04 -4.02
C TYR D 127 5.85 -29.93 -5.43
N LEU D 128 5.56 -28.85 -6.18
CA LEU D 128 5.94 -28.71 -7.59
C LEU D 128 7.20 -27.87 -7.76
N VAL D 129 7.60 -27.05 -6.79
CA VAL D 129 8.81 -26.26 -6.92
C VAL D 129 10.11 -27.03 -7.18
N PRO D 130 10.29 -28.26 -6.61
CA PRO D 130 11.60 -28.90 -6.89
C PRO D 130 11.93 -29.04 -8.36
N GLY D 131 10.93 -29.41 -9.17
CA GLY D 131 11.16 -29.50 -10.60
C GLY D 131 11.61 -28.21 -11.26
N MET D 132 11.06 -27.08 -10.79
CA MET D 132 11.44 -25.78 -11.27
C MET D 132 12.85 -25.44 -10.80
N LYS D 133 13.17 -25.74 -9.55
CA LYS D 133 14.53 -25.49 -9.10
C LYS D 133 15.58 -26.27 -9.88
N ALA D 134 15.30 -27.54 -10.14
CA ALA D 134 16.23 -28.35 -10.98
C ALA D 134 16.53 -27.65 -12.32
N ARG D 135 15.57 -26.99 -12.93
CA ARG D 135 15.84 -26.25 -14.18
C ARG D 135 16.29 -24.83 -14.02
N GLY D 136 16.27 -24.30 -12.78
CA GLY D 136 16.59 -22.96 -12.53
C GLY D 136 15.62 -21.91 -13.07
N TRP D 137 14.31 -22.24 -13.14
CA TRP D 137 13.34 -21.39 -13.82
C TRP D 137 11.95 -21.82 -13.48
N GLY D 138 11.12 -20.88 -13.01
CA GLY D 138 9.75 -21.15 -12.79
C GLY D 138 8.91 -19.89 -12.73
N ARG D 139 7.62 -20.04 -12.93
CA ARG D 139 6.64 -18.96 -12.73
C ARG D 139 5.46 -19.50 -11.94
N ILE D 140 5.22 -18.84 -10.79
CA ILE D 140 4.00 -19.01 -10.02
C ILE D 140 3.09 -17.81 -10.14
N VAL D 141 1.83 -18.02 -10.48
CA VAL D 141 0.84 -17.01 -10.53
C VAL D 141 -0.29 -17.34 -9.61
N ASN D 142 -0.35 -16.58 -8.52
CA ASN D 142 -1.52 -16.59 -7.66
C ASN D 142 -2.56 -15.64 -8.11
N PHE D 143 -3.79 -15.75 -7.51
CA PHE D 143 -4.86 -14.86 -7.75
C PHE D 143 -5.20 -14.03 -6.52
N ALA D 144 -4.87 -12.79 -6.60
CA ALA D 144 -5.30 -11.80 -5.54
C ALA D 144 -6.66 -11.27 -5.98
N SER D 145 -7.14 -10.22 -5.34
CA SER D 145 -8.53 -9.76 -5.54
C SER D 145 -8.55 -8.30 -5.16
N LEU D 146 -9.59 -7.61 -5.58
CA LEU D 146 -9.92 -6.37 -4.97
C LEU D 146 -9.99 -6.44 -3.40
N GLN D 147 -10.41 -7.60 -2.93
CA GLN D 147 -10.59 -7.88 -1.52
C GLN D 147 -9.25 -8.29 -0.90
N THR D 148 -8.12 -8.26 -1.60
CA THR D 148 -6.79 -8.13 -0.97
C THR D 148 -6.68 -6.83 -0.12
N THR D 149 -7.36 -5.75 -0.54
CA THR D 149 -7.24 -4.44 0.05
C THR D 149 -8.59 -3.76 0.43
N ARG D 150 -9.73 -4.20 -0.11
CA ARG D 150 -10.99 -3.49 0.07
C ARG D 150 -12.07 -4.51 0.43
N ALA D 151 -12.73 -4.30 1.60
CA ALA D 151 -13.69 -5.25 2.14
C ALA D 151 -15.08 -4.95 1.52
N PHE D 152 -15.64 -5.97 0.92
CA PHE D 152 -16.99 -5.98 0.29
C PHE D 152 -17.97 -6.80 1.13
N PRO D 153 -19.28 -6.50 0.93
CA PRO D 153 -20.22 -7.27 1.67
C PRO D 153 -20.12 -8.79 1.52
N GLY D 154 -20.22 -9.54 2.64
CA GLY D 154 -20.11 -11.00 2.58
C GLY D 154 -18.69 -11.52 2.35
N GLY D 155 -17.73 -10.64 2.43
CA GLY D 155 -16.40 -10.93 1.99
C GLY D 155 -15.43 -11.43 3.07
N ILE D 156 -15.77 -11.40 4.37
CA ILE D 156 -14.73 -11.45 5.40
C ILE D 156 -13.75 -12.64 5.35
N ALA D 157 -14.20 -13.88 5.14
CA ALA D 157 -13.28 -15.02 4.99
C ALA D 157 -12.50 -14.92 3.68
N TYR D 158 -13.20 -14.48 2.61
CA TYR D 158 -12.56 -14.34 1.29
C TYR D 158 -11.43 -13.31 1.34
N GLY D 159 -11.72 -12.17 2.00
CA GLY D 159 -10.74 -11.11 2.15
C GLY D 159 -9.61 -11.55 3.01
N ALA D 160 -9.89 -12.22 4.14
CA ALA D 160 -8.82 -12.82 4.90
C ALA D 160 -7.88 -13.68 4.06
N SER D 161 -8.45 -14.50 3.25
CA SER D 161 -7.70 -15.39 2.38
C SER D 161 -6.91 -14.59 1.36
N LYS D 162 -7.49 -13.54 0.80
CA LYS D 162 -6.82 -12.81 -0.35
C LYS D 162 -5.77 -11.81 0.17
N GLY D 163 -5.92 -11.27 1.40
CA GLY D 163 -4.86 -10.54 2.00
C GLY D 163 -3.73 -11.47 2.33
N GLY D 164 -4.08 -12.67 2.79
CA GLY D 164 -3.12 -13.75 2.91
C GLY D 164 -2.35 -14.07 1.62
N VAL D 165 -3.10 -14.25 0.53
CA VAL D 165 -2.47 -14.58 -0.74
C VAL D 165 -1.35 -13.56 -1.11
N ALA D 166 -1.64 -12.26 -0.96
CA ALA D 166 -0.70 -11.24 -1.33
C ALA D 166 0.61 -11.42 -0.55
N GLN D 167 0.53 -11.54 0.78
CA GLN D 167 1.74 -11.73 1.55
C GLN D 167 2.39 -13.04 1.26
N MET D 168 1.61 -14.08 1.06
CA MET D 168 2.11 -15.38 0.74
C MET D 168 2.92 -15.29 -0.55
N THR D 169 2.50 -14.46 -1.48
CA THR D 169 3.15 -14.34 -2.81
C THR D 169 4.54 -13.67 -2.57
N ARG D 170 4.55 -12.59 -1.74
CA ARG D 170 5.83 -11.97 -1.34
C ARG D 170 6.78 -13.02 -0.70
N ALA D 171 6.25 -13.85 0.17
CA ALA D 171 7.03 -14.88 0.85
C ALA D 171 7.50 -15.98 -0.06
N MET D 172 6.69 -16.32 -1.04
CA MET D 172 7.11 -17.33 -2.06
C MET D 172 8.31 -16.76 -2.82
N ALA D 173 8.23 -15.48 -3.18
CA ALA D 173 9.37 -14.85 -3.82
C ALA D 173 10.59 -14.84 -2.95
N GLU D 174 10.46 -14.54 -1.69
CA GLU D 174 11.62 -14.48 -0.81
C GLU D 174 12.27 -15.87 -0.65
N ALA D 175 11.46 -16.92 -0.65
CA ALA D 175 12.00 -18.28 -0.47
C ALA D 175 12.61 -18.85 -1.79
N TRP D 176 11.93 -18.59 -2.91
CA TRP D 176 12.16 -19.27 -4.16
C TRP D 176 12.78 -18.48 -5.27
N SER D 177 12.63 -17.14 -5.28
CA SER D 177 13.20 -16.39 -6.33
C SER D 177 14.76 -16.41 -6.42
N PRO D 178 15.46 -16.79 -5.33
CA PRO D 178 16.93 -16.99 -5.53
C PRO D 178 17.20 -18.17 -6.46
N HIS D 179 16.22 -19.00 -6.74
CA HIS D 179 16.40 -20.23 -7.47
C HIS D 179 15.82 -20.17 -8.84
N GLY D 180 15.49 -19.00 -9.30
CA GLY D 180 14.96 -18.81 -10.61
C GLY D 180 13.42 -18.80 -10.73
N ILE D 181 12.74 -18.99 -9.62
CA ILE D 181 11.28 -19.06 -9.65
C ILE D 181 10.70 -17.74 -9.23
N THR D 182 9.93 -17.06 -10.07
CA THR D 182 9.25 -15.87 -9.62
C THR D 182 7.84 -16.22 -9.18
N ALA D 183 7.27 -15.40 -8.32
CA ALA D 183 5.92 -15.61 -7.79
C ALA D 183 5.27 -14.24 -7.75
N ASN D 184 4.08 -14.12 -8.40
CA ASN D 184 3.35 -12.90 -8.43
C ASN D 184 1.91 -13.25 -8.36
N ALA D 185 1.08 -12.24 -8.16
CA ALA D 185 -0.35 -12.45 -8.06
C ALA D 185 -1.06 -11.56 -9.07
N LEU D 186 -1.95 -12.12 -9.88
CA LEU D 186 -2.83 -11.30 -10.68
C LEU D 186 -3.98 -10.98 -9.82
N GLY D 187 -4.40 -9.72 -9.87
CA GLY D 187 -5.55 -9.20 -9.22
C GLY D 187 -6.64 -8.73 -10.09
N PRO D 188 -7.48 -9.67 -10.52
CA PRO D 188 -8.59 -9.27 -11.35
C PRO D 188 -9.58 -8.40 -10.59
N GLY D 189 -10.19 -7.47 -11.26
CA GLY D 189 -11.31 -6.68 -10.78
C GLY D 189 -12.55 -7.52 -10.89
N PHE D 190 -13.63 -6.92 -11.39
CA PHE D 190 -14.89 -7.71 -11.57
C PHE D 190 -15.04 -8.19 -12.98
N PHE D 191 -14.99 -9.51 -13.11
CA PHE D 191 -15.11 -10.21 -14.40
C PHE D 191 -16.31 -11.17 -14.15
N ARG D 192 -17.05 -11.43 -15.22
CA ARG D 192 -18.17 -12.37 -15.19
C ARG D 192 -17.81 -13.83 -14.96
N THR D 193 -17.92 -14.29 -13.71
CA THR D 193 -17.58 -15.67 -13.37
C THR D 193 -18.52 -16.27 -12.33
N GLU D 194 -18.27 -17.53 -11.99
CA GLU D 194 -19.00 -18.18 -10.90
C GLU D 194 -18.99 -17.37 -9.58
N LEU D 195 -17.86 -16.80 -9.21
CA LEU D 195 -17.66 -16.18 -7.89
C LEU D 195 -18.42 -14.85 -7.72
N THR D 196 -18.77 -14.27 -8.87
CA THR D 196 -19.26 -12.89 -8.96
C THR D 196 -20.73 -12.83 -9.40
N ALA D 197 -21.39 -14.00 -9.47
CA ALA D 197 -22.83 -14.06 -9.78
C ALA D 197 -23.71 -12.96 -9.12
N PRO D 198 -23.64 -12.74 -7.81
CA PRO D 198 -24.44 -11.59 -7.29
C PRO D 198 -24.05 -10.19 -7.80
N VAL D 199 -22.76 -9.96 -8.02
CA VAL D 199 -22.30 -8.65 -8.49
C VAL D 199 -22.94 -8.38 -9.87
N PHE D 200 -23.07 -9.42 -10.67
CA PHE D 200 -23.52 -9.24 -12.07
C PHE D 200 -25.01 -9.40 -12.28
N ALA D 201 -25.58 -10.24 -11.45
CA ALA D 201 -26.98 -10.59 -11.62
C ALA D 201 -27.89 -9.38 -11.41
N ASP D 202 -27.54 -8.52 -10.46
CA ASP D 202 -28.22 -7.24 -10.27
C ASP D 202 -27.57 -6.16 -11.20
N PRO D 203 -28.21 -5.76 -12.31
CA PRO D 203 -27.56 -4.85 -13.22
C PRO D 203 -27.14 -3.52 -12.64
N GLU D 204 -27.86 -3.05 -11.64
CA GLU D 204 -27.54 -1.74 -11.06
C GLU D 204 -26.18 -1.89 -10.31
N ARG D 205 -26.00 -3.06 -9.69
CA ARG D 205 -24.79 -3.36 -9.03
C ARG D 205 -23.64 -3.46 -9.99
N ALA D 206 -23.88 -4.19 -11.08
CA ALA D 206 -22.87 -4.38 -12.08
C ALA D 206 -22.45 -2.98 -12.61
N ALA D 207 -23.43 -2.11 -12.83
CA ALA D 207 -23.09 -0.79 -13.41
C ALA D 207 -22.37 0.11 -12.41
N ARG D 208 -22.72 0.02 -11.11
CA ARG D 208 -22.00 0.79 -10.12
C ARG D 208 -20.53 0.33 -10.06
N ASN D 209 -20.31 -0.98 -10.16
CA ASN D 209 -18.96 -1.49 -10.15
C ASN D 209 -18.21 -1.13 -11.42
N ALA D 210 -18.88 -1.12 -12.56
CA ALA D 210 -18.21 -0.62 -13.81
C ALA D 210 -17.82 0.83 -13.65
N ALA D 211 -18.69 1.64 -13.05
CA ALA D 211 -18.42 3.12 -12.90
C ALA D 211 -17.31 3.41 -11.90
N GLN D 212 -17.05 2.46 -10.96
CA GLN D 212 -15.97 2.59 -10.04
C GLN D 212 -14.61 2.40 -10.69
N THR D 213 -14.55 1.79 -11.90
CA THR D 213 -13.26 1.70 -12.51
C THR D 213 -12.89 3.06 -13.19
N CYS D 214 -11.63 3.25 -13.62
CA CYS D 214 -11.27 4.45 -14.42
C CYS D 214 -11.77 4.30 -15.84
N ILE D 215 -11.78 3.11 -16.38
CA ILE D 215 -12.14 2.97 -17.80
C ILE D 215 -13.66 3.08 -17.94
N GLY D 216 -14.42 2.59 -16.93
CA GLY D 216 -15.83 2.61 -17.01
C GLY D 216 -16.52 1.33 -17.43
N ARG D 217 -15.85 0.18 -17.37
CA ARG D 217 -16.44 -1.07 -17.73
C ARG D 217 -15.92 -2.13 -16.80
N ASN D 218 -16.71 -3.21 -16.61
CA ASN D 218 -16.20 -4.45 -16.04
C ASN D 218 -15.26 -5.24 -16.93
N GLY D 219 -14.67 -6.27 -16.37
CA GLY D 219 -13.75 -7.04 -17.13
C GLY D 219 -14.39 -8.02 -18.08
N GLU D 220 -13.69 -8.26 -19.19
CA GLU D 220 -14.01 -9.29 -20.20
C GLU D 220 -12.93 -10.32 -20.16
N PRO D 221 -13.26 -11.56 -20.49
CA PRO D 221 -12.28 -12.60 -20.41
C PRO D 221 -10.90 -12.36 -21.03
N GLU D 222 -10.88 -11.78 -22.22
CA GLU D 222 -9.65 -11.55 -22.96
C GLU D 222 -8.74 -10.54 -22.24
N ASP D 223 -9.27 -9.75 -21.28
CA ASP D 223 -8.48 -8.74 -20.59
C ASP D 223 -7.39 -9.40 -19.69
N LEU D 224 -7.57 -10.65 -19.40
CA LEU D 224 -6.62 -11.36 -18.56
C LEU D 224 -5.51 -12.00 -19.35
N ASP D 225 -5.66 -12.12 -20.67
CA ASP D 225 -4.65 -12.77 -21.44
C ASP D 225 -3.22 -12.20 -21.40
N GLY D 226 -3.08 -10.91 -21.66
CA GLY D 226 -1.84 -10.20 -21.67
C GLY D 226 -1.13 -10.26 -20.33
N PRO D 227 -1.84 -9.82 -19.28
CA PRO D 227 -1.22 -9.92 -17.96
C PRO D 227 -0.77 -11.33 -17.55
N LEU D 228 -1.52 -12.34 -17.90
CA LEU D 228 -1.17 -13.71 -17.60
C LEU D 228 0.09 -14.11 -18.31
N LEU D 229 0.14 -13.84 -19.62
CA LEU D 229 1.28 -14.31 -20.36
C LEU D 229 2.51 -13.58 -19.95
N PHE D 230 2.37 -12.30 -19.67
CA PHE D 230 3.51 -11.52 -19.09
C PHE D 230 4.12 -12.18 -17.83
N LEU D 231 3.27 -12.53 -16.88
CA LEU D 231 3.64 -13.21 -15.62
C LEU D 231 4.06 -14.64 -15.74
N CYS D 232 3.90 -15.21 -16.92
CA CYS D 232 4.29 -16.60 -17.19
C CYS D 232 5.44 -16.75 -18.10
N SER D 233 6.14 -15.68 -18.41
CA SER D 233 7.22 -15.68 -19.41
C SER D 233 8.47 -14.98 -19.03
N GLN D 234 9.45 -15.05 -19.93
CA GLN D 234 10.71 -14.40 -19.73
C GLN D 234 10.63 -12.92 -19.50
N ALA D 235 9.59 -12.30 -20.08
CA ALA D 235 9.32 -10.87 -20.00
C ALA D 235 9.31 -10.36 -18.55
N SER D 236 8.91 -11.19 -17.57
CA SER D 236 8.74 -10.76 -16.20
C SER D 236 9.87 -11.29 -15.32
N ALA D 237 11.01 -11.68 -15.88
CA ALA D 237 12.09 -12.26 -15.06
C ALA D 237 12.50 -11.44 -13.82
N TYR D 238 12.49 -10.13 -13.93
CA TYR D 238 12.84 -9.25 -12.82
C TYR D 238 11.63 -8.70 -12.04
N VAL D 239 10.50 -9.30 -12.22
CA VAL D 239 9.20 -8.95 -11.52
C VAL D 239 8.89 -10.14 -10.63
N THR D 240 8.98 -9.94 -9.32
CA THR D 240 8.69 -11.01 -8.37
C THR D 240 8.23 -10.42 -7.06
N GLY D 241 7.26 -11.07 -6.50
CA GLY D 241 6.68 -10.69 -5.24
C GLY D 241 5.63 -9.61 -5.37
N GLN D 242 5.10 -9.42 -6.57
CA GLN D 242 4.21 -8.29 -6.88
C GLN D 242 2.74 -8.77 -7.05
N VAL D 243 1.81 -7.83 -6.76
CA VAL D 243 0.38 -7.98 -7.11
C VAL D 243 0.12 -7.04 -8.30
N LEU D 244 -0.30 -7.61 -9.40
CA LEU D 244 -0.62 -6.87 -10.63
C LEU D 244 -2.13 -6.79 -10.79
N MET D 245 -2.72 -5.63 -10.48
CA MET D 245 -4.16 -5.48 -10.57
C MET D 245 -4.61 -5.31 -12.03
N VAL D 246 -5.62 -6.06 -12.44
CA VAL D 246 -6.17 -6.02 -13.83
C VAL D 246 -7.63 -5.74 -13.55
N ASP D 247 -7.88 -4.46 -13.31
CA ASP D 247 -9.13 -3.95 -12.73
C ASP D 247 -9.65 -2.68 -13.37
N GLY D 248 -9.14 -2.28 -14.54
CA GLY D 248 -9.62 -1.08 -15.18
C GLY D 248 -9.42 0.21 -14.39
N GLY D 249 -8.59 0.13 -13.34
CA GLY D 249 -8.32 1.23 -12.46
C GLY D 249 -9.29 1.34 -11.31
N TYR D 250 -10.01 0.27 -10.97
CA TYR D 250 -10.83 0.24 -9.75
C TYR D 250 -10.04 0.72 -8.58
N THR D 251 -8.84 0.19 -8.40
CA THR D 251 -8.00 0.49 -7.21
C THR D 251 -7.31 1.88 -7.28
N ALA D 252 -7.50 2.63 -8.37
CA ALA D 252 -6.93 4.00 -8.47
C ALA D 252 -7.91 5.05 -7.97
N LYS D 253 -9.18 4.63 -7.72
CA LYS D 253 -10.30 5.49 -7.35
C LYS D 253 -10.91 5.16 -5.92
#